data_9BPS
#
_entry.id   9BPS
#
_cell.length_a   144.931
_cell.length_b   144.931
_cell.length_c   166.383
_cell.angle_alpha   90.000
_cell.angle_beta   90.000
_cell.angle_gamma   120.000
#
_symmetry.space_group_name_H-M   'P 65'
#
loop_
_entity.id
_entity.type
_entity.pdbx_description
1 polymer 'Plastid replication-repair enzyme'
2 non-polymer 'SODIUM ION'
3 non-polymer 'CHLORIDE ION'
4 non-polymer DI(HYDROXYETHYL)ETHER
5 water water
#
_entity_poly.entity_id   1
_entity_poly.type   'polypeptide(L)'
_entity_poly.pdbx_seq_one_letter_code
;DEITKKYIKDNIINVDDNIIKKKDIFKLKNENNEITECAFEYFESKKKFDDDIESRFFIINDNNYNENINLIYKDIKYCG
LNIQTTGLEVFDENIRLIQIAVENYPVIIYDMFNINKKDILDGLRKVLENKNIIKIIQNGKFDAKFLLHNNFKIENIFDT
YIASKLLDKNKNMYGFKLNNIVEKYLNVILDKQQQNSVWNNSLLNNNQLFYAARDSSCLLKLYKKLKEEIKKENLHIVND
IENKCILPICDMELNGIKVDLENLQKSTNEILNELNIEKDNLKKKLKDENINVNSQQQVLKALQKNNVRDISNKLIENTS
DSNLKNFLNHEEIISLRNYRRLYKLYSAFYLKLPLHINTKTNKIHTTFNQLKTFSGRFSSEKPNLQQIPRQKNIREIFIP
NDNNIFIIADFKQIELMIAAEITNDEIMLKAYNNNIDLHTLTASIITKKNIPDINKEDRHIAKAINFGLIYGMNYVNLKN
YANTYYGLNMSLDQCLYFYNSFFEHYKGIYKWHNQVKQKRALQYSTLSNRKVIFPYFSFTKALNYPVQGTCADILKLALV
DLYDNLKDINGKIILCVHDEIIIEVNKKFQEEALKILVQSMENSASYFLKKVKCEVSVKIAENWGSKD
;
_entity_poly.pdbx_strand_id   A,B
#
loop_
_chem_comp.id
_chem_comp.type
_chem_comp.name
_chem_comp.formula
CL non-polymer 'CHLORIDE ION' 'Cl -1'
NA non-polymer 'SODIUM ION' 'Na 1'
PEG non-polymer DI(HYDROXYETHYL)ETHER 'C4 H10 O3'
#
# COMPACT_ATOMS: atom_id res chain seq x y z
N GLU A 2 -40.70 -44.92 0.58
CA GLU A 2 -39.83 -45.75 -0.24
C GLU A 2 -38.87 -44.88 -1.04
N ILE A 3 -39.39 -44.10 -1.99
CA ILE A 3 -38.55 -43.19 -2.76
C ILE A 3 -38.04 -42.06 -1.87
N THR A 4 -38.88 -41.59 -0.93
CA THR A 4 -38.46 -40.55 0.01
C THR A 4 -37.28 -40.98 0.88
N LYS A 5 -37.11 -42.28 1.10
CA LYS A 5 -36.13 -42.83 2.02
C LYS A 5 -34.88 -43.32 1.29
N LYS A 6 -34.66 -42.86 0.06
CA LYS A 6 -33.63 -43.45 -0.80
C LYS A 6 -32.23 -42.98 -0.43
N TYR A 7 -32.08 -41.76 0.09
CA TYR A 7 -30.80 -41.17 0.45
C TYR A 7 -30.86 -40.55 1.83
N ILE A 8 -31.42 -41.28 2.81
CA ILE A 8 -31.33 -40.85 4.20
C ILE A 8 -29.90 -41.02 4.72
N LYS A 9 -29.11 -41.90 4.08
CA LYS A 9 -27.73 -42.14 4.50
C LYS A 9 -26.89 -40.86 4.46
N ASP A 10 -27.18 -39.98 3.49
CA ASP A 10 -26.54 -38.68 3.38
C ASP A 10 -27.37 -37.56 4.02
N ASN A 11 -28.35 -37.90 4.85
CA ASN A 11 -29.18 -36.92 5.56
C ASN A 11 -30.00 -36.06 4.59
N ILE A 12 -30.38 -36.65 3.46
CA ILE A 12 -31.17 -35.98 2.42
C ILE A 12 -32.54 -36.65 2.38
N ILE A 13 -33.55 -35.89 1.95
CA ILE A 13 -34.92 -36.36 1.79
C ILE A 13 -35.29 -36.16 0.34
N ASN A 14 -35.65 -37.26 -0.34
CA ASN A 14 -36.08 -37.20 -1.74
C ASN A 14 -37.59 -36.93 -1.76
N VAL A 15 -37.93 -35.66 -1.55
CA VAL A 15 -39.33 -35.26 -1.52
C VAL A 15 -39.95 -35.44 -2.91
N ASP A 16 -39.35 -34.81 -3.91
CA ASP A 16 -39.78 -34.99 -5.30
C ASP A 16 -39.19 -36.31 -5.81
N ASP A 17 -38.73 -36.35 -7.07
CA ASP A 17 -37.97 -37.50 -7.56
C ASP A 17 -36.86 -37.02 -8.49
N ASN A 18 -36.27 -35.85 -8.17
CA ASN A 18 -35.21 -35.26 -8.98
C ASN A 18 -33.83 -35.72 -8.53
N ILE A 19 -33.61 -35.87 -7.23
CA ILE A 19 -32.28 -36.21 -6.73
C ILE A 19 -31.89 -37.60 -7.20
N ILE A 20 -30.74 -37.69 -7.88
CA ILE A 20 -30.15 -38.95 -8.31
C ILE A 20 -28.70 -38.95 -7.85
N LYS A 21 -28.32 -39.98 -7.12
CA LYS A 21 -26.92 -40.22 -6.79
C LYS A 21 -26.23 -40.91 -7.96
N LYS A 22 -25.02 -40.45 -8.29
CA LYS A 22 -24.22 -41.04 -9.35
C LYS A 22 -22.77 -41.05 -8.91
N LYS A 23 -21.99 -41.94 -9.53
CA LYS A 23 -20.56 -42.06 -9.28
C LYS A 23 -19.84 -42.01 -10.61
N ASP A 24 -18.84 -41.12 -10.70
CA ASP A 24 -18.06 -40.98 -11.91
C ASP A 24 -16.63 -40.60 -11.54
N ILE A 25 -15.73 -40.69 -12.53
CA ILE A 25 -14.33 -40.33 -12.37
C ILE A 25 -14.19 -38.86 -12.74
N PHE A 26 -13.35 -38.15 -12.00
CA PHE A 26 -13.07 -36.73 -12.20
C PHE A 26 -11.57 -36.54 -12.40
N LYS A 27 -11.24 -35.43 -13.05
CA LYS A 27 -9.89 -35.17 -13.55
C LYS A 27 -9.13 -34.44 -12.46
N LEU A 28 -8.08 -35.08 -11.91
CA LEU A 28 -7.41 -34.52 -10.76
C LEU A 28 -5.92 -34.89 -10.86
N LYS A 29 -5.11 -34.20 -10.04
CA LYS A 29 -3.65 -34.33 -10.10
C LYS A 29 -3.10 -34.39 -8.68
N ASN A 30 -2.12 -35.28 -8.48
CA ASN A 30 -1.46 -35.40 -7.19
C ASN A 30 -0.33 -34.37 -7.08
N GLU A 31 0.36 -34.38 -5.93
CA GLU A 31 1.43 -33.42 -5.69
C GLU A 31 2.57 -33.57 -6.69
N ASN A 32 2.79 -34.78 -7.23
CA ASN A 32 3.90 -35.06 -8.12
C ASN A 32 3.60 -34.70 -9.59
N ASN A 33 2.57 -33.90 -9.85
CA ASN A 33 2.19 -33.51 -11.22
C ASN A 33 1.85 -34.74 -12.07
N GLU A 34 1.17 -35.71 -11.46
CA GLU A 34 0.66 -36.89 -12.13
C GLU A 34 -0.86 -36.88 -12.04
N ILE A 35 -1.54 -37.13 -13.16
CA ILE A 35 -2.99 -37.09 -13.23
C ILE A 35 -3.55 -38.31 -12.50
N THR A 36 -3.81 -38.15 -11.21
CA THR A 36 -4.68 -39.09 -10.49
C THR A 36 -6.11 -38.68 -10.76
N GLU A 37 -6.81 -39.45 -11.59
CA GLU A 37 -8.23 -39.22 -11.84
C GLU A 37 -9.03 -40.13 -10.92
N CYS A 38 -9.82 -39.53 -10.03
CA CYS A 38 -10.42 -40.21 -8.89
C CYS A 38 -11.93 -40.31 -9.05
N ALA A 39 -12.49 -41.36 -8.47
CA ALA A 39 -13.93 -41.58 -8.48
C ALA A 39 -14.58 -40.87 -7.29
N PHE A 40 -15.70 -40.21 -7.55
CA PHE A 40 -16.44 -39.48 -6.53
C PHE A 40 -17.93 -39.73 -6.72
N GLU A 41 -18.65 -39.69 -5.60
CA GLU A 41 -20.10 -39.82 -5.57
C GLU A 41 -20.70 -38.42 -5.45
N TYR A 42 -21.62 -38.10 -6.36
CA TYR A 42 -22.25 -36.79 -6.40
C TYR A 42 -23.75 -36.96 -6.63
N PHE A 43 -24.47 -35.84 -6.55
CA PHE A 43 -25.91 -35.79 -6.69
C PHE A 43 -26.28 -34.86 -7.83
N GLU A 44 -27.21 -35.29 -8.69
CA GLU A 44 -27.63 -34.54 -9.86
C GLU A 44 -29.14 -34.59 -9.98
N SER A 45 -29.72 -33.51 -10.50
CA SER A 45 -31.16 -33.44 -10.70
C SER A 45 -31.58 -34.26 -11.91
N LYS A 46 -32.80 -34.80 -11.84
CA LYS A 46 -33.39 -35.52 -12.96
C LYS A 46 -33.83 -34.55 -14.04
N LYS A 47 -34.66 -33.58 -13.68
CA LYS A 47 -35.05 -32.50 -14.58
C LYS A 47 -33.89 -31.52 -14.70
N LYS A 48 -33.40 -31.33 -15.92
CA LYS A 48 -32.27 -30.43 -16.14
C LYS A 48 -32.71 -28.98 -16.04
N PHE A 49 -31.86 -28.16 -15.42
CA PHE A 49 -32.12 -26.74 -15.35
C PHE A 49 -31.83 -26.09 -16.70
N ASP A 50 -32.59 -25.04 -17.01
CA ASP A 50 -32.46 -24.32 -18.28
C ASP A 50 -31.41 -23.20 -18.17
N ASP A 51 -30.19 -23.61 -17.82
CA ASP A 51 -29.08 -22.69 -17.67
C ASP A 51 -27.81 -23.49 -17.45
N ASP A 52 -26.68 -22.79 -17.51
CA ASP A 52 -25.36 -23.39 -17.34
C ASP A 52 -24.85 -23.32 -15.90
N ILE A 53 -25.70 -22.95 -14.93
CA ILE A 53 -25.28 -22.92 -13.54
C ILE A 53 -25.08 -24.35 -13.06
N GLU A 54 -23.95 -24.60 -12.40
CA GLU A 54 -23.64 -25.93 -11.89
C GLU A 54 -24.62 -26.29 -10.78
N SER A 55 -25.52 -27.23 -11.07
CA SER A 55 -26.53 -27.68 -10.11
C SER A 55 -26.16 -28.98 -9.42
N ARG A 56 -25.18 -29.73 -9.92
CA ARG A 56 -24.73 -30.94 -9.26
C ARG A 56 -23.90 -30.58 -8.03
N PHE A 57 -23.74 -31.56 -7.14
CA PHE A 57 -22.97 -31.27 -5.93
C PHE A 57 -22.46 -32.56 -5.28
N PHE A 58 -21.31 -32.43 -4.62
CA PHE A 58 -20.88 -33.36 -3.59
C PHE A 58 -21.42 -32.88 -2.24
N ILE A 59 -21.80 -33.82 -1.39
CA ILE A 59 -22.16 -33.57 0.01
C ILE A 59 -21.19 -34.34 0.88
N ILE A 60 -20.64 -33.66 1.88
CA ILE A 60 -19.61 -34.21 2.76
C ILE A 60 -20.24 -34.44 4.13
N ASN A 61 -20.01 -35.63 4.68
CA ASN A 61 -20.52 -36.01 5.99
C ASN A 61 -19.53 -36.98 6.63
N ASP A 62 -19.80 -37.37 7.87
CA ASP A 62 -18.93 -38.34 8.54
C ASP A 62 -18.93 -39.69 7.84
N ASN A 63 -20.05 -40.07 7.22
CA ASN A 63 -20.15 -41.36 6.57
C ASN A 63 -19.26 -41.43 5.34
N ASN A 64 -19.63 -40.72 4.28
CA ASN A 64 -19.03 -40.87 2.96
C ASN A 64 -17.95 -39.84 2.68
N TYR A 65 -17.05 -39.60 3.63
CA TYR A 65 -15.95 -38.67 3.41
C TYR A 65 -14.81 -39.38 2.69
N ASN A 66 -14.53 -38.92 1.47
CA ASN A 66 -13.36 -39.34 0.69
C ASN A 66 -12.39 -38.18 0.63
N GLU A 67 -11.18 -38.38 1.17
CA GLU A 67 -10.18 -37.32 1.29
C GLU A 67 -9.87 -36.65 -0.04
N ASN A 68 -10.02 -37.35 -1.15
CA ASN A 68 -9.59 -36.84 -2.43
C ASN A 68 -10.41 -35.65 -2.92
N ILE A 69 -11.60 -35.39 -2.35
CA ILE A 69 -12.30 -34.16 -2.74
C ILE A 69 -11.52 -32.93 -2.30
N ASN A 70 -10.73 -33.03 -1.22
CA ASN A 70 -9.86 -31.91 -0.85
C ASN A 70 -8.87 -31.60 -1.96
N LEU A 71 -8.45 -32.61 -2.72
CA LEU A 71 -7.51 -32.38 -3.81
C LEU A 71 -8.14 -31.67 -5.00
N ILE A 72 -9.46 -31.42 -4.99
CA ILE A 72 -10.06 -30.51 -5.98
C ILE A 72 -9.46 -29.12 -5.85
N TYR A 73 -9.07 -28.73 -4.63
CA TYR A 73 -8.57 -27.39 -4.39
C TYR A 73 -7.15 -27.16 -4.93
N LYS A 74 -6.47 -28.20 -5.42
CA LYS A 74 -5.10 -28.04 -5.88
C LYS A 74 -5.03 -27.06 -7.04
N ASP A 75 -4.25 -26.00 -6.85
CA ASP A 75 -3.92 -25.04 -7.89
C ASP A 75 -5.15 -24.28 -8.38
N ILE A 76 -6.17 -24.08 -7.53
CA ILE A 76 -7.23 -23.13 -7.89
C ILE A 76 -6.72 -21.72 -7.66
N LYS A 77 -7.24 -20.77 -8.44
CA LYS A 77 -7.00 -19.34 -8.23
C LYS A 77 -8.14 -18.66 -7.50
N TYR A 78 -9.36 -19.18 -7.63
CA TYR A 78 -10.53 -18.57 -7.02
C TYR A 78 -11.61 -19.62 -6.86
N CYS A 79 -12.57 -19.33 -5.98
CA CYS A 79 -13.67 -20.24 -5.75
C CYS A 79 -14.85 -19.45 -5.22
N GLY A 80 -16.06 -19.92 -5.54
CA GLY A 80 -17.25 -19.39 -4.92
C GLY A 80 -17.40 -19.94 -3.51
N LEU A 81 -17.90 -19.09 -2.61
CA LEU A 81 -18.10 -19.42 -1.21
C LEU A 81 -19.48 -18.95 -0.81
N ASN A 82 -20.23 -19.83 -0.15
CA ASN A 82 -21.46 -19.43 0.51
C ASN A 82 -21.65 -20.30 1.74
N ILE A 83 -22.48 -19.81 2.66
CA ILE A 83 -22.92 -20.57 3.82
C ILE A 83 -24.44 -20.56 3.85
N GLN A 84 -25.00 -21.49 4.62
CA GLN A 84 -26.41 -21.47 4.98
C GLN A 84 -26.47 -21.57 6.49
N THR A 85 -27.26 -20.69 7.10
CA THR A 85 -27.31 -20.51 8.55
C THR A 85 -28.72 -20.80 9.04
N THR A 86 -28.80 -21.17 10.33
CA THR A 86 -30.11 -21.36 10.95
C THR A 86 -30.81 -20.03 11.22
N GLY A 87 -30.09 -18.91 11.17
CA GLY A 87 -30.72 -17.62 11.25
C GLY A 87 -29.72 -16.53 10.89
N LEU A 88 -29.97 -15.33 11.40
CA LEU A 88 -29.14 -14.15 11.11
C LEU A 88 -28.15 -13.83 12.21
N GLU A 89 -28.59 -13.80 13.47
CA GLU A 89 -27.70 -13.42 14.56
C GLU A 89 -26.63 -14.48 14.76
N VAL A 90 -25.36 -14.08 14.64
CA VAL A 90 -24.26 -15.05 14.64
C VAL A 90 -24.16 -15.75 15.99
N PHE A 91 -24.24 -14.98 17.09
CA PHE A 91 -24.09 -15.57 18.42
C PHE A 91 -25.21 -16.56 18.74
N ASP A 92 -26.41 -16.32 18.23
CA ASP A 92 -27.57 -17.14 18.52
C ASP A 92 -27.86 -18.19 17.45
N GLU A 93 -26.96 -18.37 16.48
CA GLU A 93 -27.22 -19.26 15.35
C GLU A 93 -25.96 -20.03 15.00
N ASN A 94 -26.14 -21.05 14.15
CA ASN A 94 -25.07 -21.93 13.70
C ASN A 94 -25.04 -21.98 12.18
N ILE A 95 -23.87 -22.32 11.66
CA ILE A 95 -23.71 -22.59 10.23
C ILE A 95 -24.23 -23.99 9.95
N ARG A 96 -25.24 -24.09 9.11
CA ARG A 96 -25.74 -25.39 8.67
C ARG A 96 -24.85 -25.96 7.55
N LEU A 97 -24.68 -25.20 6.47
CA LEU A 97 -23.93 -25.62 5.30
C LEU A 97 -22.77 -24.67 5.05
N ILE A 98 -21.68 -25.20 4.49
CA ILE A 98 -20.60 -24.40 3.93
C ILE A 98 -20.34 -24.94 2.52
N GLN A 99 -20.65 -24.12 1.51
CA GLN A 99 -20.57 -24.50 0.11
C GLN A 99 -19.34 -23.85 -0.53
N ILE A 100 -18.61 -24.65 -1.30
CA ILE A 100 -17.42 -24.22 -2.03
C ILE A 100 -17.62 -24.64 -3.48
N ALA A 101 -17.72 -23.67 -4.39
CA ALA A 101 -17.91 -23.92 -5.81
C ALA A 101 -16.57 -23.73 -6.52
N VAL A 102 -16.04 -24.82 -7.08
CA VAL A 102 -14.81 -24.81 -7.88
C VAL A 102 -15.21 -25.04 -9.32
N GLU A 103 -14.65 -24.24 -10.23
CA GLU A 103 -15.14 -24.19 -11.60
C GLU A 103 -14.97 -25.52 -12.31
N ASN A 104 -15.99 -25.89 -13.09
CA ASN A 104 -16.03 -27.15 -13.83
C ASN A 104 -15.98 -28.36 -12.90
N TYR A 105 -16.57 -28.24 -11.71
CA TYR A 105 -16.81 -29.39 -10.85
C TYR A 105 -18.12 -29.18 -10.10
N PRO A 106 -18.77 -30.27 -9.65
CA PRO A 106 -19.95 -30.09 -8.78
C PRO A 106 -19.58 -29.36 -7.49
N VAL A 107 -20.59 -28.71 -6.90
CA VAL A 107 -20.33 -27.87 -5.74
C VAL A 107 -20.05 -28.76 -4.53
N ILE A 108 -18.94 -28.49 -3.84
CA ILE A 108 -18.61 -29.23 -2.62
C ILE A 108 -19.37 -28.58 -1.48
N ILE A 109 -20.17 -29.38 -0.77
CA ILE A 109 -21.04 -28.91 0.31
C ILE A 109 -20.63 -29.63 1.59
N TYR A 110 -20.25 -28.86 2.60
CA TYR A 110 -19.90 -29.39 3.92
C TYR A 110 -21.16 -29.39 4.78
N ASP A 111 -21.64 -30.59 5.12
CA ASP A 111 -22.78 -30.75 6.02
C ASP A 111 -22.28 -30.59 7.45
N MET A 112 -22.51 -29.42 8.06
CA MET A 112 -21.90 -29.13 9.35
C MET A 112 -22.62 -29.82 10.50
N PHE A 113 -23.92 -30.10 10.34
CA PHE A 113 -24.66 -30.81 11.39
C PHE A 113 -24.38 -32.31 11.40
N ASN A 114 -23.83 -32.86 10.32
CA ASN A 114 -23.45 -34.26 10.22
C ASN A 114 -21.95 -34.42 9.94
N ILE A 115 -21.15 -33.56 10.57
CA ILE A 115 -19.69 -33.70 10.62
C ILE A 115 -19.26 -33.38 12.05
N ASN A 116 -18.58 -34.33 12.69
CA ASN A 116 -18.08 -34.17 14.06
C ASN A 116 -16.58 -34.48 14.16
N LYS A 117 -15.84 -34.33 13.06
CA LYS A 117 -14.41 -34.58 13.03
C LYS A 117 -13.71 -33.43 12.31
N LYS A 118 -12.50 -33.11 12.78
CA LYS A 118 -11.79 -31.93 12.29
C LYS A 118 -11.10 -32.16 10.95
N ASP A 119 -10.67 -33.40 10.67
CA ASP A 119 -9.77 -33.64 9.54
C ASP A 119 -10.40 -33.28 8.20
N ILE A 120 -11.72 -33.46 8.09
CA ILE A 120 -12.43 -33.08 6.86
C ILE A 120 -12.23 -31.59 6.60
N LEU A 121 -12.53 -30.77 7.60
CA LEU A 121 -12.47 -29.33 7.43
C LEU A 121 -11.06 -28.80 7.23
N ASP A 122 -10.02 -29.63 7.40
CA ASP A 122 -8.65 -29.18 7.16
C ASP A 122 -8.48 -28.66 5.74
N GLY A 123 -9.08 -29.34 4.75
CA GLY A 123 -8.99 -28.84 3.40
C GLY A 123 -9.68 -27.50 3.23
N LEU A 124 -10.86 -27.35 3.85
CA LEU A 124 -11.59 -26.09 3.78
C LEU A 124 -10.80 -24.97 4.43
N ARG A 125 -10.30 -25.20 5.66
CA ARG A 125 -9.55 -24.19 6.38
C ARG A 125 -8.30 -23.75 5.62
N LYS A 126 -7.67 -24.67 4.90
CA LYS A 126 -6.50 -24.27 4.12
C LYS A 126 -6.90 -23.34 2.99
N VAL A 127 -7.98 -23.67 2.27
CA VAL A 127 -8.46 -22.77 1.22
C VAL A 127 -8.75 -21.39 1.80
N LEU A 128 -9.53 -21.33 2.88
CA LEU A 128 -9.98 -20.04 3.39
C LEU A 128 -8.81 -19.19 3.87
N GLU A 129 -7.83 -19.79 4.53
CA GLU A 129 -6.66 -19.03 4.95
C GLU A 129 -5.76 -18.64 3.78
N ASN A 130 -5.80 -19.36 2.66
CA ASN A 130 -4.80 -19.16 1.61
C ASN A 130 -5.03 -17.82 0.92
N LYS A 131 -4.22 -16.83 1.30
CA LYS A 131 -4.37 -15.47 0.78
C LYS A 131 -4.31 -15.40 -0.73
N ASN A 132 -3.83 -16.45 -1.42
CA ASN A 132 -3.68 -16.45 -2.86
C ASN A 132 -4.88 -17.02 -3.59
N ILE A 133 -5.99 -17.26 -2.89
CA ILE A 133 -7.24 -17.72 -3.48
C ILE A 133 -8.27 -16.61 -3.30
N ILE A 134 -8.97 -16.25 -4.37
CA ILE A 134 -10.08 -15.31 -4.26
C ILE A 134 -11.31 -16.07 -3.79
N LYS A 135 -11.94 -15.60 -2.72
CA LYS A 135 -13.20 -16.16 -2.24
C LYS A 135 -14.31 -15.23 -2.71
N ILE A 136 -15.06 -15.67 -3.71
CA ILE A 136 -16.18 -14.89 -4.21
C ILE A 136 -17.34 -15.14 -3.25
N ILE A 137 -17.90 -14.06 -2.70
CA ILE A 137 -18.97 -14.14 -1.71
C ILE A 137 -20.03 -13.12 -2.08
N GLN A 138 -21.28 -13.45 -1.77
CA GLN A 138 -22.39 -12.48 -1.73
C GLN A 138 -22.69 -12.22 -0.25
N ASN A 139 -22.70 -10.95 0.14
CA ASN A 139 -22.85 -10.54 1.53
C ASN A 139 -21.68 -11.09 2.36
N GLY A 140 -20.50 -10.54 2.07
CA GLY A 140 -19.27 -11.07 2.62
C GLY A 140 -19.11 -10.84 4.11
N LYS A 141 -19.64 -9.72 4.62
CA LYS A 141 -19.58 -9.47 6.06
C LYS A 141 -20.39 -10.50 6.84
N PHE A 142 -21.58 -10.84 6.34
CA PHE A 142 -22.44 -11.81 7.00
C PHE A 142 -21.75 -13.17 7.08
N ASP A 143 -21.31 -13.68 5.92
CA ASP A 143 -20.63 -14.97 5.89
C ASP A 143 -19.33 -14.94 6.68
N ALA A 144 -18.56 -13.86 6.54
CA ALA A 144 -17.28 -13.77 7.24
C ALA A 144 -17.47 -13.71 8.75
N LYS A 145 -18.54 -13.06 9.22
CA LYS A 145 -18.82 -13.05 10.65
C LYS A 145 -19.11 -14.44 11.16
N PHE A 146 -19.95 -15.21 10.45
CA PHE A 146 -20.27 -16.56 10.89
C PHE A 146 -19.03 -17.44 10.90
N LEU A 147 -18.18 -17.32 9.89
CA LEU A 147 -16.96 -18.13 9.83
C LEU A 147 -15.99 -17.74 10.94
N LEU A 148 -15.73 -16.44 11.11
CA LEU A 148 -14.80 -16.00 12.14
C LEU A 148 -15.30 -16.35 13.53
N HIS A 149 -16.61 -16.28 13.75
CA HIS A 149 -17.14 -16.64 15.06
C HIS A 149 -17.05 -18.15 15.30
N ASN A 150 -17.18 -18.95 14.25
CA ASN A 150 -17.01 -20.39 14.34
C ASN A 150 -15.55 -20.83 14.14
N ASN A 151 -14.59 -19.94 14.37
CA ASN A 151 -13.16 -20.21 14.52
C ASN A 151 -12.48 -20.42 13.17
N PHE A 152 -13.22 -20.31 12.06
CA PHE A 152 -12.58 -20.32 10.75
C PHE A 152 -11.84 -19.00 10.53
N LYS A 153 -10.87 -19.05 9.62
CA LYS A 153 -10.09 -17.87 9.23
C LYS A 153 -10.18 -17.73 7.73
N ILE A 154 -10.29 -16.49 7.25
CA ILE A 154 -10.51 -16.21 5.83
C ILE A 154 -9.70 -14.97 5.45
N GLU A 155 -9.11 -15.01 4.26
CA GLU A 155 -8.45 -13.85 3.67
C GLU A 155 -8.72 -13.84 2.17
N ASN A 156 -8.73 -12.64 1.58
CA ASN A 156 -8.86 -12.41 0.15
C ASN A 156 -10.28 -12.69 -0.34
N ILE A 157 -11.13 -11.66 -0.34
CA ILE A 157 -12.55 -11.77 -0.63
C ILE A 157 -12.87 -10.87 -1.82
N PHE A 158 -13.79 -11.33 -2.68
CA PHE A 158 -14.44 -10.50 -3.69
C PHE A 158 -15.94 -10.56 -3.40
N ASP A 159 -16.49 -9.45 -2.90
CA ASP A 159 -17.88 -9.39 -2.49
C ASP A 159 -18.72 -8.87 -3.66
N THR A 160 -19.58 -9.74 -4.21
CA THR A 160 -20.48 -9.37 -5.28
C THR A 160 -21.50 -8.33 -4.86
N TYR A 161 -21.84 -8.27 -3.57
CA TYR A 161 -22.73 -7.21 -3.09
C TYR A 161 -22.03 -5.85 -3.15
N ILE A 162 -20.76 -5.80 -2.75
CA ILE A 162 -20.01 -4.54 -2.79
C ILE A 162 -19.82 -4.10 -4.23
N ALA A 163 -19.46 -5.04 -5.12
CA ALA A 163 -19.31 -4.70 -6.53
C ALA A 163 -20.62 -4.19 -7.12
N SER A 164 -21.73 -4.87 -6.82
CA SER A 164 -23.01 -4.45 -7.35
C SER A 164 -23.45 -3.11 -6.79
N LYS A 165 -23.09 -2.81 -5.54
CA LYS A 165 -23.48 -1.52 -4.97
C LYS A 165 -22.68 -0.38 -5.56
N LEU A 166 -21.36 -0.57 -5.68
CA LEU A 166 -20.51 0.47 -6.27
C LEU A 166 -20.94 0.77 -7.70
N LEU A 167 -21.19 -0.27 -8.49
CA LEU A 167 -21.63 -0.08 -9.87
C LEU A 167 -22.97 0.64 -9.93
N ASP A 168 -23.80 0.53 -8.89
CA ASP A 168 -25.10 1.19 -8.89
C ASP A 168 -25.00 2.68 -8.59
N LYS A 169 -23.95 3.11 -7.88
CA LYS A 169 -23.68 4.54 -7.70
C LYS A 169 -24.80 5.26 -6.94
N ASN A 170 -25.39 4.55 -5.97
CA ASN A 170 -26.46 5.07 -5.11
C ASN A 170 -27.66 5.58 -5.92
N LYS A 171 -27.98 4.86 -6.99
CA LYS A 171 -29.20 5.11 -7.75
C LYS A 171 -30.39 4.32 -7.22
N ASN A 172 -30.15 3.28 -6.40
CA ASN A 172 -31.21 2.41 -5.91
C ASN A 172 -30.94 2.04 -4.47
N MET A 173 -32.02 1.99 -3.67
CA MET A 173 -31.92 1.53 -2.27
C MET A 173 -31.95 0.02 -2.20
N TYR A 174 -32.75 -0.63 -3.05
CA TYR A 174 -33.02 -2.05 -3.04
C TYR A 174 -32.46 -2.70 -4.30
N GLY A 175 -32.63 -4.01 -4.39
CA GLY A 175 -32.16 -4.77 -5.54
C GLY A 175 -30.75 -5.26 -5.43
N PHE A 176 -30.28 -5.57 -4.22
CA PHE A 176 -28.95 -6.09 -3.97
C PHE A 176 -28.99 -7.41 -3.21
N LYS A 177 -30.07 -8.17 -3.36
CA LYS A 177 -30.11 -9.56 -2.95
C LYS A 177 -29.47 -10.42 -4.04
N LEU A 178 -29.19 -11.67 -3.69
CA LEU A 178 -28.54 -12.58 -4.63
C LEU A 178 -29.43 -12.85 -5.84
N ASN A 179 -30.72 -13.09 -5.61
CA ASN A 179 -31.64 -13.33 -6.72
C ASN A 179 -31.73 -12.13 -7.64
N ASN A 180 -31.67 -10.91 -7.07
CA ASN A 180 -31.67 -9.71 -7.90
C ASN A 180 -30.41 -9.62 -8.74
N ILE A 181 -29.25 -9.82 -8.11
CA ILE A 181 -27.97 -9.68 -8.81
C ILE A 181 -27.84 -10.75 -9.89
N VAL A 182 -28.21 -11.98 -9.58
CA VAL A 182 -28.10 -13.06 -10.56
C VAL A 182 -29.09 -12.84 -11.70
N GLU A 183 -30.30 -12.38 -11.39
CA GLU A 183 -31.25 -12.06 -12.44
C GLU A 183 -30.75 -10.93 -13.32
N LYS A 184 -30.03 -9.97 -12.73
CA LYS A 184 -29.54 -8.83 -13.49
C LYS A 184 -28.39 -9.23 -14.41
N TYR A 185 -27.33 -9.81 -13.83
CA TYR A 185 -26.08 -10.00 -14.55
C TYR A 185 -25.99 -11.32 -15.29
N LEU A 186 -26.80 -12.32 -14.92
CA LEU A 186 -26.81 -13.63 -15.58
C LEU A 186 -28.14 -13.99 -16.21
N ASN A 187 -29.23 -13.27 -15.89
CA ASN A 187 -30.57 -13.60 -16.36
C ASN A 187 -30.94 -15.03 -15.96
N VAL A 188 -30.95 -15.24 -14.64
CA VAL A 188 -31.29 -16.51 -14.02
C VAL A 188 -32.07 -16.20 -12.76
N ILE A 189 -33.15 -16.95 -12.53
CA ILE A 189 -34.03 -16.77 -11.39
C ILE A 189 -33.83 -17.97 -10.47
N LEU A 190 -33.06 -17.78 -9.41
CA LEU A 190 -32.90 -18.82 -8.41
C LEU A 190 -34.19 -18.97 -7.61
N ASP A 191 -34.32 -20.10 -6.92
CA ASP A 191 -35.49 -20.38 -6.09
C ASP A 191 -35.31 -19.65 -4.77
N LYS A 192 -35.81 -18.40 -4.72
CA LYS A 192 -35.65 -17.58 -3.52
C LYS A 192 -36.55 -18.02 -2.36
N GLN A 193 -37.46 -18.98 -2.58
CA GLN A 193 -38.20 -19.54 -1.46
C GLN A 193 -37.28 -20.22 -0.46
N GLN A 194 -36.19 -20.81 -0.95
CA GLN A 194 -35.32 -21.64 -0.11
C GLN A 194 -34.47 -20.83 0.85
N GLN A 195 -34.39 -19.50 0.69
CA GLN A 195 -33.73 -18.68 1.70
C GLN A 195 -34.47 -18.77 3.03
N ASN A 196 -35.80 -18.77 2.98
CA ASN A 196 -36.61 -18.85 4.18
C ASN A 196 -36.76 -20.28 4.69
N SER A 197 -36.52 -21.29 3.85
CA SER A 197 -36.71 -22.69 4.22
C SER A 197 -35.91 -23.04 5.48
N VAL A 198 -36.47 -23.98 6.26
CA VAL A 198 -35.89 -24.34 7.56
C VAL A 198 -34.57 -25.07 7.30
N TRP A 199 -33.47 -24.39 7.59
CA TRP A 199 -32.16 -25.02 7.64
C TRP A 199 -31.85 -25.64 9.00
N ASN A 200 -32.67 -25.36 10.02
CA ASN A 200 -32.48 -25.96 11.33
C ASN A 200 -32.87 -27.43 11.37
N ASN A 201 -33.49 -27.95 10.31
CA ASN A 201 -33.80 -29.38 10.25
C ASN A 201 -32.52 -30.21 10.29
N SER A 202 -32.64 -31.42 10.83
CA SER A 202 -31.50 -32.34 10.83
C SER A 202 -31.26 -32.95 9.46
N LEU A 203 -32.31 -33.09 8.66
CA LEU A 203 -32.23 -33.55 7.28
C LEU A 203 -32.70 -32.42 6.36
N LEU A 204 -32.31 -32.50 5.08
CA LEU A 204 -32.62 -31.45 4.11
C LEU A 204 -33.20 -32.05 2.83
N ASN A 205 -34.16 -31.34 2.24
CA ASN A 205 -34.87 -31.85 1.07
C ASN A 205 -34.09 -31.56 -0.21
N ASN A 206 -34.47 -32.26 -1.27
CA ASN A 206 -33.67 -32.26 -2.50
C ASN A 206 -33.63 -30.89 -3.16
N ASN A 207 -34.68 -30.07 -3.01
CA ASN A 207 -34.66 -28.74 -3.58
C ASN A 207 -33.75 -27.79 -2.80
N GLN A 208 -33.66 -27.99 -1.48
CA GLN A 208 -32.79 -27.15 -0.66
C GLN A 208 -31.34 -27.24 -1.09
N LEU A 209 -30.85 -28.46 -1.36
CA LEU A 209 -29.44 -28.61 -1.69
C LEU A 209 -29.12 -28.16 -3.11
N PHE A 210 -30.04 -28.36 -4.07
CA PHE A 210 -29.80 -27.80 -5.40
C PHE A 210 -29.79 -26.28 -5.36
N TYR A 211 -30.60 -25.67 -4.50
CA TYR A 211 -30.46 -24.24 -4.26
C TYR A 211 -29.11 -23.94 -3.63
N ALA A 212 -28.75 -24.66 -2.57
CA ALA A 212 -27.45 -24.46 -1.93
C ALA A 212 -26.36 -24.40 -2.99
N ALA A 213 -26.22 -25.46 -3.78
CA ALA A 213 -25.16 -25.55 -4.78
C ALA A 213 -25.24 -24.41 -5.78
N ARG A 214 -26.43 -24.17 -6.34
CA ARG A 214 -26.59 -23.12 -7.34
C ARG A 214 -26.24 -21.75 -6.78
N ASP A 215 -26.64 -21.46 -5.53
CA ASP A 215 -26.38 -20.12 -5.02
C ASP A 215 -24.90 -19.89 -4.71
N SER A 216 -24.04 -20.89 -4.85
CA SER A 216 -22.59 -20.72 -4.84
C SER A 216 -21.98 -20.72 -6.23
N SER A 217 -22.44 -21.61 -7.11
CA SER A 217 -21.80 -21.73 -8.42
C SER A 217 -22.03 -20.49 -9.27
N CYS A 218 -23.17 -19.82 -9.08
CA CYS A 218 -23.43 -18.56 -9.77
C CYS A 218 -22.38 -17.51 -9.45
N LEU A 219 -21.74 -17.59 -8.29
CA LEU A 219 -20.73 -16.61 -7.91
C LEU A 219 -19.55 -16.61 -8.87
N LEU A 220 -19.25 -17.74 -9.51
CA LEU A 220 -18.13 -17.77 -10.45
C LEU A 220 -18.42 -16.92 -11.67
N LYS A 221 -19.61 -17.09 -12.26
CA LYS A 221 -20.00 -16.26 -13.41
C LYS A 221 -20.17 -14.80 -13.01
N LEU A 222 -20.75 -14.56 -11.83
CA LEU A 222 -20.88 -13.19 -11.33
C LEU A 222 -19.52 -12.53 -11.18
N TYR A 223 -18.52 -13.28 -10.69
CA TYR A 223 -17.18 -12.72 -10.53
C TYR A 223 -16.59 -12.27 -11.84
N LYS A 224 -16.78 -13.06 -12.90
CA LYS A 224 -16.25 -12.66 -14.21
C LYS A 224 -16.96 -11.40 -14.71
N LYS A 225 -18.29 -11.38 -14.69
CA LYS A 225 -19.04 -10.22 -15.17
C LYS A 225 -18.70 -8.97 -14.35
N LEU A 226 -18.78 -9.08 -13.02
CA LEU A 226 -18.66 -7.90 -12.17
C LEU A 226 -17.22 -7.39 -12.12
N LYS A 227 -16.23 -8.29 -12.16
CA LYS A 227 -14.85 -7.82 -12.19
C LYS A 227 -14.57 -7.07 -13.49
N GLU A 228 -15.12 -7.56 -14.60
CA GLU A 228 -14.99 -6.84 -15.87
C GLU A 228 -15.67 -5.48 -15.80
N GLU A 229 -16.90 -5.43 -15.27
CA GLU A 229 -17.62 -4.17 -15.17
C GLU A 229 -16.91 -3.18 -14.24
N ILE A 230 -16.35 -3.69 -13.14
CA ILE A 230 -15.61 -2.84 -12.22
C ILE A 230 -14.40 -2.23 -12.93
N LYS A 231 -13.70 -3.03 -13.73
CA LYS A 231 -12.53 -2.50 -14.43
C LYS A 231 -12.92 -1.49 -15.50
N LYS A 232 -14.08 -1.68 -16.15
CA LYS A 232 -14.51 -0.70 -17.14
C LYS A 232 -14.84 0.65 -16.50
N GLU A 233 -15.54 0.64 -15.37
CA GLU A 233 -15.92 1.88 -14.71
C GLU A 233 -14.81 2.52 -13.88
N ASN A 234 -13.60 1.92 -13.86
CA ASN A 234 -12.48 2.42 -13.05
C ASN A 234 -12.86 2.49 -11.58
N LEU A 235 -13.45 1.39 -11.09
CA LEU A 235 -13.83 1.22 -9.69
C LEU A 235 -12.96 0.19 -8.97
N HIS A 236 -11.81 -0.19 -9.55
CA HIS A 236 -10.98 -1.22 -8.94
C HIS A 236 -10.40 -0.75 -7.61
N ILE A 237 -10.01 0.52 -7.52
CA ILE A 237 -9.37 1.01 -6.30
C ILE A 237 -10.36 0.99 -5.14
N VAL A 238 -11.57 1.51 -5.36
CA VAL A 238 -12.56 1.57 -4.29
C VAL A 238 -13.08 0.17 -3.98
N ASN A 239 -13.34 -0.65 -5.01
CA ASN A 239 -13.83 -1.99 -4.77
C ASN A 239 -12.80 -2.83 -4.02
N ASP A 240 -11.52 -2.62 -4.32
CA ASP A 240 -10.47 -3.36 -3.64
C ASP A 240 -10.33 -2.92 -2.18
N ILE A 241 -10.47 -1.62 -1.91
CA ILE A 241 -10.44 -1.16 -0.52
C ILE A 241 -11.63 -1.74 0.25
N GLU A 242 -12.81 -1.68 -0.35
CA GLU A 242 -14.02 -2.11 0.36
C GLU A 242 -13.99 -3.60 0.68
N ASN A 243 -13.56 -4.43 -0.29
CA ASN A 243 -13.44 -5.86 -0.05
C ASN A 243 -12.46 -6.13 1.09
N LYS A 244 -11.30 -5.45 1.09
CA LYS A 244 -10.38 -5.60 2.21
C LYS A 244 -10.95 -5.04 3.52
N CYS A 245 -11.90 -4.11 3.45
CA CYS A 245 -12.46 -3.50 4.65
C CYS A 245 -13.51 -4.35 5.34
N ILE A 246 -13.96 -5.45 4.71
CA ILE A 246 -14.92 -6.36 5.35
C ILE A 246 -14.39 -6.84 6.70
N LEU A 247 -13.13 -7.29 6.73
CA LEU A 247 -12.54 -7.95 7.89
C LEU A 247 -12.41 -6.99 9.07
N PRO A 248 -11.93 -5.76 8.88
CA PRO A 248 -12.02 -4.79 9.99
C PRO A 248 -13.44 -4.54 10.47
N ILE A 249 -14.42 -4.50 9.56
CA ILE A 249 -15.81 -4.29 10.00
C ILE A 249 -16.26 -5.46 10.88
N CYS A 250 -15.99 -6.69 10.42
CA CYS A 250 -16.33 -7.88 11.21
C CYS A 250 -15.64 -7.85 12.58
N ASP A 251 -14.38 -7.38 12.61
CA ASP A 251 -13.66 -7.28 13.88
C ASP A 251 -14.37 -6.33 14.83
N MET A 252 -14.92 -5.23 14.31
CA MET A 252 -15.63 -4.29 15.15
C MET A 252 -16.95 -4.87 15.65
N GLU A 253 -17.73 -5.47 14.75
CA GLU A 253 -19.03 -6.00 15.13
C GLU A 253 -18.90 -7.19 16.08
N LEU A 254 -17.80 -7.93 16.01
CA LEU A 254 -17.58 -9.08 16.89
C LEU A 254 -16.94 -8.66 18.21
N ASN A 255 -15.98 -7.73 18.19
CA ASN A 255 -15.36 -7.29 19.43
C ASN A 255 -16.35 -6.52 20.30
N GLY A 256 -17.16 -5.66 19.68
CA GLY A 256 -18.08 -4.84 20.45
C GLY A 256 -17.32 -3.85 21.34
N ILE A 257 -18.09 -3.23 22.24
CA ILE A 257 -17.54 -2.30 23.23
C ILE A 257 -18.20 -2.58 24.57
N LYS A 258 -17.38 -2.71 25.62
CA LYS A 258 -17.86 -3.03 26.94
C LYS A 258 -18.42 -1.79 27.63
N VAL A 259 -19.44 -2.01 28.46
CA VAL A 259 -20.23 -0.95 29.07
C VAL A 259 -20.05 -1.03 30.58
N ASP A 260 -20.00 0.15 31.23
CA ASP A 260 -19.87 0.26 32.69
C ASP A 260 -21.28 0.40 33.25
N LEU A 261 -21.86 -0.73 33.65
CA LEU A 261 -23.25 -0.72 34.10
C LEU A 261 -23.43 0.01 35.42
N GLU A 262 -22.37 0.16 36.22
CA GLU A 262 -22.48 0.89 37.48
C GLU A 262 -22.81 2.37 37.21
N ASN A 263 -21.97 3.04 36.43
CA ASN A 263 -22.24 4.43 36.10
C ASN A 263 -23.49 4.57 35.24
N LEU A 264 -23.84 3.54 34.47
CA LEU A 264 -25.06 3.58 33.68
C LEU A 264 -26.30 3.60 34.57
N GLN A 265 -26.38 2.66 35.52
CA GLN A 265 -27.56 2.58 36.37
C GLN A 265 -27.58 3.72 37.38
N LYS A 266 -26.42 4.06 37.95
CA LYS A 266 -26.33 5.23 38.82
C LYS A 266 -26.76 6.50 38.09
N SER A 267 -26.30 6.65 36.85
CA SER A 267 -26.69 7.82 36.06
C SER A 267 -28.18 7.80 35.76
N THR A 268 -28.74 6.62 35.47
CA THR A 268 -30.17 6.51 35.20
C THR A 268 -30.99 6.95 36.41
N ASN A 269 -30.55 6.56 37.61
CA ASN A 269 -31.22 7.03 38.82
C ASN A 269 -31.02 8.53 39.01
N GLU A 270 -29.88 9.07 38.56
CA GLU A 270 -29.68 10.51 38.64
C GLU A 270 -30.68 11.26 37.77
N ILE A 271 -30.94 10.76 36.56
CA ILE A 271 -31.92 11.45 35.71
C ILE A 271 -33.32 11.30 36.28
N LEU A 272 -33.61 10.16 36.95
CA LEU A 272 -34.90 9.98 37.60
C LEU A 272 -35.15 11.08 38.64
N ASN A 273 -34.21 11.25 39.56
CA ASN A 273 -34.31 12.30 40.58
C ASN A 273 -34.41 13.68 39.93
N GLU A 274 -33.71 13.88 38.82
CA GLU A 274 -33.71 15.18 38.16
C GLU A 274 -35.10 15.53 37.61
N LEU A 275 -35.61 14.74 36.67
CA LEU A 275 -36.86 15.15 36.00
C LEU A 275 -38.04 15.14 36.96
N ASN A 276 -38.03 14.26 37.96
CA ASN A 276 -39.07 14.34 38.99
C ASN A 276 -38.94 15.64 39.79
N ILE A 277 -37.71 16.06 40.08
CA ILE A 277 -37.51 17.32 40.79
C ILE A 277 -37.90 18.51 39.92
N GLU A 278 -37.66 18.43 38.61
CA GLU A 278 -38.08 19.53 37.74
C GLU A 278 -39.59 19.61 37.64
N LYS A 279 -40.30 18.48 37.71
CA LYS A 279 -41.76 18.53 37.78
C LYS A 279 -42.21 19.15 39.10
N ASP A 280 -41.49 18.87 40.20
CA ASP A 280 -41.82 19.50 41.47
C ASP A 280 -41.54 21.00 41.43
N ASN A 281 -40.46 21.40 40.76
CA ASN A 281 -40.15 22.82 40.62
C ASN A 281 -41.16 23.53 39.73
N LEU A 282 -41.67 22.85 38.71
CA LEU A 282 -42.68 23.42 37.82
C LEU A 282 -43.97 23.73 38.59
N LEU A 336 -39.20 24.24 29.37
CA LEU A 336 -38.95 23.42 28.18
C LEU A 336 -37.49 22.98 28.13
N ARG A 337 -36.58 23.90 28.49
CA ARG A 337 -35.14 23.66 28.34
C ARG A 337 -34.70 22.43 29.14
N ASN A 338 -34.86 22.49 30.46
CA ASN A 338 -34.36 21.42 31.30
C ASN A 338 -35.22 20.17 31.19
N TYR A 339 -36.54 20.33 31.00
CA TYR A 339 -37.40 19.15 30.95
C TYR A 339 -37.17 18.33 29.69
N ARG A 340 -37.19 18.96 28.51
CA ARG A 340 -36.95 18.18 27.30
C ARG A 340 -35.51 17.69 27.23
N ARG A 341 -34.58 18.41 27.86
CA ARG A 341 -33.23 17.88 28.01
C ARG A 341 -33.25 16.55 28.76
N LEU A 342 -33.88 16.53 29.95
CA LEU A 342 -33.94 15.30 30.73
C LEU A 342 -34.84 14.26 30.09
N TYR A 343 -35.93 14.70 29.47
CA TYR A 343 -36.90 13.77 28.89
C TYR A 343 -36.31 12.99 27.73
N LYS A 344 -35.56 13.68 26.85
CA LYS A 344 -34.93 13.02 25.71
C LYS A 344 -33.67 12.28 26.13
N LEU A 345 -32.86 12.91 27.00
CA LEU A 345 -31.68 12.25 27.53
C LEU A 345 -32.03 10.95 28.24
N TYR A 346 -33.11 10.95 29.02
CA TYR A 346 -33.60 9.70 29.58
C TYR A 346 -34.16 8.80 28.49
N SER A 347 -35.19 9.26 27.77
CA SER A 347 -35.94 8.37 26.89
C SER A 347 -35.10 7.94 25.69
N ALA A 348 -34.37 8.87 25.06
CA ALA A 348 -33.48 8.46 23.99
C ALA A 348 -32.35 7.60 24.53
N PHE A 349 -31.51 8.16 25.42
CA PHE A 349 -30.35 7.37 25.84
C PHE A 349 -30.69 6.35 26.93
N TYR A 350 -30.87 6.82 28.17
CA TYR A 350 -30.78 5.94 29.34
C TYR A 350 -31.87 4.87 29.37
N LEU A 351 -32.93 5.03 28.58
CA LEU A 351 -34.00 4.04 28.50
C LEU A 351 -33.75 2.98 27.44
N LYS A 352 -33.10 3.35 26.33
CA LYS A 352 -32.94 2.45 25.20
C LYS A 352 -31.63 1.65 25.25
N LEU A 353 -30.55 2.27 25.74
CA LEU A 353 -29.26 1.58 25.78
C LEU A 353 -29.28 0.29 26.58
N PRO A 354 -30.00 0.17 27.73
CA PRO A 354 -30.09 -1.14 28.39
C PRO A 354 -30.59 -2.28 27.51
N LEU A 355 -31.37 -1.99 26.46
CA LEU A 355 -31.87 -3.05 25.61
C LEU A 355 -30.78 -3.67 24.73
N HIS A 356 -29.68 -2.95 24.49
CA HIS A 356 -28.65 -3.43 23.56
C HIS A 356 -27.54 -4.23 24.22
N ILE A 357 -27.29 -4.02 25.51
CA ILE A 357 -26.18 -4.68 26.17
C ILE A 357 -26.50 -6.16 26.34
N ASN A 358 -25.51 -7.01 26.10
CA ASN A 358 -25.65 -8.45 26.34
C ASN A 358 -25.40 -8.73 27.82
N THR A 359 -26.41 -9.32 28.48
CA THR A 359 -26.37 -9.50 29.94
C THR A 359 -25.16 -10.28 30.41
N LYS A 360 -24.70 -11.25 29.61
CA LYS A 360 -23.57 -12.06 30.02
C LYS A 360 -22.25 -11.32 29.89
N THR A 361 -21.99 -10.70 28.73
CA THR A 361 -20.69 -10.15 28.41
C THR A 361 -20.57 -8.66 28.68
N ASN A 362 -21.68 -7.97 28.93
CA ASN A 362 -21.69 -6.55 29.29
C ASN A 362 -21.11 -5.69 28.17
N LYS A 363 -21.50 -5.99 26.93
CA LYS A 363 -21.01 -5.28 25.75
C LYS A 363 -22.15 -5.02 24.78
N ILE A 364 -21.91 -4.06 23.89
CA ILE A 364 -22.82 -3.71 22.81
C ILE A 364 -22.14 -4.09 21.50
N HIS A 365 -22.83 -4.88 20.68
CA HIS A 365 -22.35 -5.29 19.35
C HIS A 365 -23.22 -4.59 18.31
N THR A 366 -22.77 -3.41 17.88
CA THR A 366 -23.51 -2.64 16.90
C THR A 366 -23.36 -3.26 15.51
N THR A 367 -24.22 -2.82 14.59
CA THR A 367 -24.17 -3.22 13.19
C THR A 367 -23.64 -2.05 12.36
N PHE A 368 -22.49 -2.25 11.73
CA PHE A 368 -21.86 -1.25 10.87
C PHE A 368 -22.25 -1.54 9.42
N ASN A 369 -22.88 -0.56 8.79
CA ASN A 369 -23.19 -0.62 7.37
C ASN A 369 -22.07 0.02 6.55
N GLN A 370 -21.70 -0.67 5.48
CA GLN A 370 -20.53 -0.32 4.69
C GLN A 370 -20.85 0.61 3.52
N LEU A 371 -21.98 0.40 2.84
CA LEU A 371 -22.31 1.12 1.61
C LEU A 371 -23.79 1.50 1.57
N LYS A 372 -24.36 1.85 2.72
CA LYS A 372 -25.76 2.29 2.81
C LYS A 372 -25.89 3.79 3.04
N THR A 373 -24.87 4.57 2.66
CA THR A 373 -24.89 6.03 2.78
C THR A 373 -24.58 6.65 1.43
N PHE A 374 -25.05 7.89 1.28
CA PHE A 374 -24.76 8.67 0.08
C PHE A 374 -23.26 8.96 -0.02
N SER A 375 -22.68 9.50 1.05
CA SER A 375 -21.28 9.91 1.03
C SER A 375 -20.33 8.73 0.86
N GLY A 376 -20.68 7.58 1.41
CA GLY A 376 -19.79 6.44 1.50
C GLY A 376 -19.21 6.20 2.88
N ARG A 377 -19.40 7.14 3.81
CA ARG A 377 -18.97 6.93 5.18
C ARG A 377 -19.70 5.74 5.80
N PHE A 378 -19.12 5.19 6.85
CA PHE A 378 -19.81 4.16 7.62
C PHE A 378 -21.10 4.74 8.21
N SER A 379 -22.08 3.87 8.36
CA SER A 379 -23.24 4.14 9.18
C SER A 379 -23.38 3.03 10.21
N SER A 380 -24.00 3.36 11.33
CA SER A 380 -24.13 2.45 12.46
C SER A 380 -25.58 2.41 12.90
N GLU A 381 -26.02 1.23 13.35
CA GLU A 381 -27.39 1.09 13.83
C GLU A 381 -27.45 -0.02 14.86
N LYS A 382 -28.46 0.08 15.73
CA LYS A 382 -28.75 -0.88 16.78
C LYS A 382 -27.55 -1.08 17.69
N PRO A 383 -27.05 -0.03 18.37
CA PRO A 383 -27.45 1.38 18.35
C PRO A 383 -26.69 2.19 17.31
N ASN A 384 -27.20 3.36 16.96
CA ASN A 384 -26.50 4.29 16.07
C ASN A 384 -25.45 5.02 16.90
N LEU A 385 -24.18 4.65 16.74
CA LEU A 385 -23.12 5.16 17.60
C LEU A 385 -22.95 6.67 17.47
N GLN A 386 -23.28 7.24 16.31
CA GLN A 386 -23.18 8.69 16.16
C GLN A 386 -24.29 9.41 16.92
N GLN A 387 -25.44 8.74 17.14
CA GLN A 387 -26.53 9.32 17.92
C GLN A 387 -26.29 9.28 19.42
N ILE A 388 -25.20 8.67 19.88
CA ILE A 388 -24.88 8.74 21.32
C ILE A 388 -24.58 10.19 21.66
N PRO A 389 -25.00 10.73 22.82
CA PRO A 389 -24.68 12.12 23.13
C PRO A 389 -23.18 12.31 23.34
N ARG A 390 -22.66 13.44 22.85
CA ARG A 390 -21.22 13.69 22.89
C ARG A 390 -20.73 14.20 24.24
N GLN A 391 -21.62 14.41 25.21
CA GLN A 391 -21.19 14.87 26.53
C GLN A 391 -20.36 13.79 27.23
N LYS A 392 -19.38 14.24 28.02
CA LYS A 392 -18.44 13.32 28.65
C LYS A 392 -19.12 12.43 29.69
N ASN A 393 -20.15 12.95 30.36
CA ASN A 393 -20.82 12.19 31.42
C ASN A 393 -21.41 10.89 30.90
N ILE A 394 -21.82 10.86 29.64
CA ILE A 394 -22.38 9.66 29.02
C ILE A 394 -21.29 8.86 28.32
N ARG A 395 -20.38 9.54 27.61
CA ARG A 395 -19.32 8.87 26.87
C ARG A 395 -18.46 8.00 27.77
N GLU A 396 -18.22 8.45 29.00
CA GLU A 396 -17.39 7.71 29.94
C GLU A 396 -17.97 6.37 30.33
N ILE A 397 -19.24 6.09 30.02
CA ILE A 397 -19.82 4.79 30.35
C ILE A 397 -19.15 3.69 29.54
N PHE A 398 -18.71 3.97 28.31
CA PHE A 398 -18.12 2.96 27.45
C PHE A 398 -16.63 2.87 27.71
N ILE A 399 -16.15 1.66 27.99
CA ILE A 399 -14.83 1.46 28.61
C ILE A 399 -14.16 0.23 28.03
N PRO A 400 -12.81 0.10 28.21
CA PRO A 400 -12.12 -1.09 27.69
C PRO A 400 -12.46 -2.36 28.46
N ASN A 401 -11.89 -3.48 28.03
CA ASN A 401 -12.02 -4.76 28.72
C ASN A 401 -10.89 -4.90 29.73
N ASP A 402 -10.94 -6.00 30.50
CA ASP A 402 -9.97 -6.23 31.56
C ASP A 402 -8.56 -6.33 31.00
N ASN A 403 -7.64 -5.58 31.61
CA ASN A 403 -6.23 -5.49 31.22
C ASN A 403 -6.02 -4.81 29.88
N ASN A 404 -7.03 -4.11 29.34
CA ASN A 404 -6.96 -3.43 28.06
C ASN A 404 -7.20 -1.93 28.25
N ILE A 405 -6.91 -1.17 27.19
CA ILE A 405 -7.02 0.28 27.22
C ILE A 405 -7.39 0.75 25.81
N PHE A 406 -8.13 1.86 25.76
CA PHE A 406 -8.51 2.48 24.50
C PHE A 406 -7.40 3.39 24.00
N ILE A 407 -7.20 3.40 22.68
CA ILE A 407 -6.49 4.46 21.97
C ILE A 407 -7.46 5.04 20.95
N ILE A 408 -7.55 6.37 20.90
CA ILE A 408 -8.59 7.10 20.20
C ILE A 408 -7.91 8.18 19.37
N ALA A 409 -8.10 8.14 18.06
CA ALA A 409 -7.46 9.05 17.11
C ALA A 409 -8.49 9.75 16.26
N ASP A 410 -8.30 11.05 16.06
CA ASP A 410 -9.18 11.90 15.25
C ASP A 410 -8.36 12.55 14.14
N PHE A 411 -8.89 12.56 12.93
CA PHE A 411 -8.40 13.47 11.90
C PHE A 411 -8.86 14.88 12.22
N LYS A 412 -8.03 15.88 11.91
CA LYS A 412 -8.33 17.29 12.18
C LYS A 412 -8.33 18.06 10.87
N GLN A 413 -9.46 18.71 10.56
CA GLN A 413 -9.63 19.56 9.38
C GLN A 413 -9.45 18.78 8.07
N ILE A 414 -9.72 17.47 8.08
CA ILE A 414 -9.46 16.66 6.89
C ILE A 414 -10.39 17.04 5.76
N GLU A 415 -11.63 17.47 6.07
CA GLU A 415 -12.54 17.93 5.03
C GLU A 415 -12.01 19.17 4.33
N LEU A 416 -11.49 20.13 5.11
CA LEU A 416 -10.94 21.35 4.54
C LEU A 416 -9.67 21.06 3.76
N MET A 417 -8.81 20.18 4.27
CA MET A 417 -7.60 19.81 3.56
C MET A 417 -7.92 19.13 2.24
N ILE A 418 -8.93 18.26 2.22
CA ILE A 418 -9.33 17.61 0.98
C ILE A 418 -9.83 18.65 -0.02
N ALA A 419 -10.59 19.64 0.46
CA ALA A 419 -11.05 20.72 -0.41
C ALA A 419 -9.87 21.47 -1.01
N ALA A 420 -8.85 21.76 -0.20
CA ALA A 420 -7.65 22.41 -0.71
C ALA A 420 -6.98 21.56 -1.79
N GLU A 421 -6.74 20.29 -1.49
CA GLU A 421 -6.19 19.34 -2.46
C GLU A 421 -6.94 19.46 -3.80
N ILE A 422 -8.22 19.08 -3.80
CA ILE A 422 -8.92 18.85 -5.07
C ILE A 422 -9.10 20.14 -5.83
N THR A 423 -9.23 21.28 -5.14
CA THR A 423 -9.38 22.56 -5.81
C THR A 423 -8.05 23.20 -6.20
N ASN A 424 -6.92 22.69 -5.73
CA ASN A 424 -5.60 23.28 -5.99
C ASN A 424 -5.52 24.74 -5.51
N ASP A 425 -6.18 25.04 -4.39
CA ASP A 425 -6.14 26.41 -3.88
C ASP A 425 -4.76 26.69 -3.29
N GLU A 426 -4.06 27.65 -3.92
CA GLU A 426 -2.65 27.90 -3.58
C GLU A 426 -2.50 28.38 -2.14
N ILE A 427 -3.29 29.36 -1.75
CA ILE A 427 -3.13 29.97 -0.42
C ILE A 427 -3.42 28.95 0.67
N MET A 428 -4.43 28.10 0.45
CA MET A 428 -4.76 27.11 1.47
C MET A 428 -3.68 26.04 1.55
N LEU A 429 -3.19 25.56 0.40
CA LEU A 429 -2.21 24.48 0.41
C LEU A 429 -0.88 24.94 1.00
N LYS A 430 -0.39 26.11 0.57
CA LYS A 430 0.84 26.63 1.16
C LYS A 430 0.66 26.99 2.62
N ALA A 431 -0.53 27.47 3.00
CA ALA A 431 -0.80 27.75 4.41
C ALA A 431 -0.74 26.48 5.25
N TYR A 432 -1.34 25.39 4.76
CA TYR A 432 -1.27 24.13 5.50
C TYR A 432 0.16 23.61 5.57
N ASN A 433 0.91 23.75 4.48
CA ASN A 433 2.29 23.28 4.47
C ASN A 433 3.15 24.05 5.48
N ASN A 434 2.85 25.34 5.68
CA ASN A 434 3.51 26.12 6.71
C ASN A 434 2.89 25.92 8.10
N ASN A 435 1.87 25.07 8.24
CA ASN A 435 1.21 24.82 9.53
C ASN A 435 0.58 26.10 10.07
N ILE A 436 -0.10 26.83 9.19
CA ILE A 436 -0.93 27.97 9.55
C ILE A 436 -2.38 27.52 9.51
N ASP A 437 -3.09 27.70 10.61
CA ASP A 437 -4.48 27.25 10.71
C ASP A 437 -5.34 27.99 9.69
N LEU A 438 -6.31 27.27 9.10
CA LEU A 438 -7.11 27.86 8.04
C LEU A 438 -8.06 28.93 8.57
N HIS A 439 -8.51 28.80 9.82
CA HIS A 439 -9.35 29.83 10.40
C HIS A 439 -8.53 31.08 10.73
N THR A 440 -7.31 30.89 11.21
CA THR A 440 -6.37 32.00 11.33
C THR A 440 -6.11 32.65 9.98
N LEU A 441 -5.95 31.82 8.94
CA LEU A 441 -5.67 32.31 7.60
C LEU A 441 -6.82 33.19 7.10
N THR A 442 -8.05 32.68 7.18
CA THR A 442 -9.20 33.46 6.75
C THR A 442 -9.36 34.72 7.60
N ALA A 443 -9.06 34.61 8.90
CA ALA A 443 -9.09 35.79 9.77
C ALA A 443 -8.11 36.86 9.28
N SER A 444 -6.92 36.43 8.84
CA SER A 444 -5.96 37.38 8.30
C SER A 444 -6.47 38.03 7.02
N ILE A 445 -7.07 37.23 6.13
CA ILE A 445 -7.57 37.78 4.87
C ILE A 445 -8.70 38.76 5.13
N ILE A 446 -9.63 38.40 6.01
CA ILE A 446 -10.81 39.24 6.25
C ILE A 446 -10.41 40.52 6.97
N THR A 447 -9.87 40.39 8.18
CA THR A 447 -9.53 41.56 8.98
C THR A 447 -8.35 42.35 8.43
N LYS A 448 -7.60 41.79 7.48
CA LYS A 448 -6.40 42.42 6.91
CA LYS A 448 -6.39 42.41 6.92
C LYS A 448 -5.31 42.66 7.98
N LYS A 449 -5.40 41.97 9.13
CA LYS A 449 -4.42 42.09 10.19
C LYS A 449 -3.40 40.96 10.10
N ASN A 450 -2.29 41.15 10.80
CA ASN A 450 -1.27 40.12 10.88
C ASN A 450 -1.62 39.12 11.97
N ILE A 451 -1.00 37.94 11.89
CA ILE A 451 -1.29 36.86 12.85
C ILE A 451 -1.03 37.29 14.29
N PRO A 452 0.05 38.01 14.63
CA PRO A 452 0.20 38.45 16.03
C PRO A 452 -0.92 39.36 16.55
N ASP A 453 -1.68 40.00 15.66
CA ASP A 453 -2.81 40.84 16.07
C ASP A 453 -4.15 40.11 16.06
N ILE A 454 -4.26 38.96 15.40
CA ILE A 454 -5.53 38.24 15.35
C ILE A 454 -5.88 37.70 16.72
N ASN A 455 -7.17 37.76 17.06
CA ASN A 455 -7.70 37.34 18.35
C ASN A 455 -8.81 36.30 18.16
N LYS A 456 -9.22 35.70 19.28
CA LYS A 456 -10.17 34.59 19.27
C LYS A 456 -11.49 34.97 18.61
N GLU A 457 -11.93 36.22 18.76
CA GLU A 457 -13.16 36.66 18.11
C GLU A 457 -13.02 36.61 16.60
N ASP A 458 -11.88 37.07 16.07
CA ASP A 458 -11.65 37.02 14.62
C ASP A 458 -11.67 35.60 14.11
N ARG A 459 -11.01 34.68 14.84
CA ARG A 459 -10.99 33.28 14.45
C ARG A 459 -12.39 32.68 14.47
N HIS A 460 -13.22 33.09 15.43
CA HIS A 460 -14.59 32.58 15.50
C HIS A 460 -15.40 32.98 14.27
N ILE A 461 -15.35 34.26 13.91
CA ILE A 461 -16.00 34.73 12.69
C ILE A 461 -15.43 34.01 11.48
N ALA A 462 -14.12 33.69 11.51
CA ALA A 462 -13.50 33.00 10.38
C ALA A 462 -14.00 31.56 10.25
N LYS A 463 -14.27 30.89 11.37
CA LYS A 463 -14.87 29.55 11.29
C LYS A 463 -16.22 29.59 10.60
N ALA A 464 -17.05 30.58 10.94
CA ALA A 464 -18.34 30.72 10.26
C ALA A 464 -18.13 31.01 8.77
N ILE A 465 -17.15 31.84 8.44
CA ILE A 465 -16.90 32.20 7.04
C ILE A 465 -16.43 30.98 6.25
N ASN A 466 -15.51 30.20 6.81
CA ASN A 466 -14.94 29.07 6.09
C ASN A 466 -15.98 27.96 5.91
N PHE A 467 -16.57 27.49 7.01
CA PHE A 467 -17.57 26.42 6.90
C PHE A 467 -18.80 26.86 6.13
N GLY A 468 -19.15 28.15 6.22
CA GLY A 468 -20.25 28.66 5.43
C GLY A 468 -19.97 28.68 3.95
N LEU A 469 -18.88 29.36 3.55
CA LEU A 469 -18.67 29.66 2.14
C LEU A 469 -18.01 28.52 1.37
N ILE A 470 -17.27 27.64 2.04
CA ILE A 470 -16.61 26.55 1.32
C ILE A 470 -17.63 25.60 0.71
N TYR A 471 -18.79 25.42 1.36
CA TYR A 471 -19.79 24.47 0.92
C TYR A 471 -20.93 25.09 0.12
N GLY A 472 -20.81 26.36 -0.26
CA GLY A 472 -21.65 26.94 -1.29
C GLY A 472 -22.64 28.01 -0.85
N MET A 473 -22.59 28.46 0.41
CA MET A 473 -23.54 29.47 0.86
C MET A 473 -23.27 30.83 0.21
N ASN A 474 -24.34 31.53 -0.14
CA ASN A 474 -24.26 32.94 -0.49
C ASN A 474 -24.19 33.79 0.78
N TYR A 475 -24.11 35.11 0.61
CA TYR A 475 -23.85 35.97 1.76
C TYR A 475 -25.07 36.07 2.68
N VAL A 476 -26.28 35.95 2.13
CA VAL A 476 -27.48 36.00 2.98
C VAL A 476 -27.54 34.74 3.86
N ASN A 477 -27.33 33.57 3.26
CA ASN A 477 -27.24 32.33 4.03
C ASN A 477 -26.09 32.38 5.02
N LEU A 478 -25.02 33.12 4.70
CA LEU A 478 -23.93 33.28 5.65
C LEU A 478 -24.37 34.10 6.85
N LYS A 479 -25.20 35.13 6.63
CA LYS A 479 -25.72 35.92 7.75
C LYS A 479 -26.54 35.04 8.70
N ASN A 480 -27.53 34.32 8.16
CA ASN A 480 -28.36 33.48 9.00
CA ASN A 480 -28.36 33.48 9.00
C ASN A 480 -27.56 32.35 9.63
N TYR A 481 -26.63 31.76 8.88
CA TYR A 481 -25.83 30.66 9.38
C TYR A 481 -24.94 31.10 10.53
N ALA A 482 -24.27 32.25 10.38
CA ALA A 482 -23.36 32.73 11.42
C ALA A 482 -24.13 33.12 12.67
N ASN A 483 -25.20 33.91 12.52
CA ASN A 483 -25.94 34.38 13.69
C ASN A 483 -26.65 33.25 14.40
N THR A 484 -27.04 32.19 13.69
CA THR A 484 -27.67 31.04 14.34
C THR A 484 -26.61 30.17 15.03
N TYR A 485 -25.73 29.55 14.25
CA TYR A 485 -24.87 28.50 14.76
C TYR A 485 -23.63 29.00 15.47
N TYR A 486 -23.28 30.28 15.34
CA TYR A 486 -22.08 30.85 15.96
C TYR A 486 -22.39 32.06 16.83
N GLY A 487 -23.64 32.52 16.87
CA GLY A 487 -24.02 33.54 17.82
C GLY A 487 -23.45 34.91 17.51
N LEU A 488 -23.34 35.25 16.23
CA LEU A 488 -22.87 36.54 15.76
C LEU A 488 -24.09 37.41 15.43
N ASN A 489 -23.82 38.67 15.04
CA ASN A 489 -24.84 39.58 14.54
C ASN A 489 -24.23 40.35 13.36
N MET A 490 -23.92 39.62 12.29
CA MET A 490 -23.32 40.21 11.12
C MET A 490 -24.40 40.83 10.23
N SER A 491 -24.05 41.94 9.59
CA SER A 491 -24.93 42.60 8.64
C SER A 491 -24.71 42.03 7.24
N LEU A 492 -25.69 42.24 6.37
CA LEU A 492 -25.57 41.74 5.00
C LEU A 492 -24.46 42.44 4.24
N ASP A 493 -24.16 43.70 4.60
CA ASP A 493 -23.00 44.37 4.00
C ASP A 493 -21.70 43.69 4.44
N GLN A 494 -21.62 43.33 5.72
CA GLN A 494 -20.43 42.63 6.23
C GLN A 494 -20.27 41.27 5.58
N CYS A 495 -21.38 40.51 5.47
CA CYS A 495 -21.32 39.20 4.85
C CYS A 495 -21.01 39.30 3.36
N LEU A 496 -21.46 40.35 2.69
CA LEU A 496 -21.08 40.54 1.30
C LEU A 496 -19.58 40.83 1.18
N TYR A 497 -19.03 41.59 2.14
CA TYR A 497 -17.59 41.80 2.15
C TYR A 497 -16.83 40.49 2.37
N PHE A 498 -17.33 39.65 3.28
CA PHE A 498 -16.69 38.36 3.51
C PHE A 498 -16.74 37.50 2.26
N TYR A 499 -17.87 37.50 1.55
CA TYR A 499 -18.01 36.69 0.35
C TYR A 499 -17.00 37.12 -0.71
N ASN A 500 -16.98 38.42 -1.03
CA ASN A 500 -16.10 38.90 -2.09
C ASN A 500 -14.63 38.74 -1.71
N SER A 501 -14.28 39.03 -0.45
CA SER A 501 -12.90 38.88 -0.01
C SER A 501 -12.47 37.42 -0.02
N PHE A 502 -13.33 36.53 0.49
CA PHE A 502 -13.03 35.11 0.55
C PHE A 502 -12.73 34.55 -0.84
N PHE A 503 -13.65 34.74 -1.79
CA PHE A 503 -13.45 34.19 -3.12
C PHE A 503 -12.50 35.03 -3.97
N GLU A 504 -12.20 36.26 -3.55
CA GLU A 504 -11.14 37.01 -4.22
C GLU A 504 -9.79 36.36 -3.95
N HIS A 505 -9.56 35.89 -2.73
CA HIS A 505 -8.28 35.29 -2.37
C HIS A 505 -8.22 33.79 -2.68
N TYR A 506 -9.30 33.05 -2.40
CA TYR A 506 -9.34 31.61 -2.65
C TYR A 506 -9.84 31.37 -4.07
N LYS A 507 -8.90 31.47 -5.01
CA LYS A 507 -9.23 31.37 -6.43
C LYS A 507 -9.52 29.93 -6.86
N GLY A 508 -8.83 28.95 -6.28
CA GLY A 508 -9.14 27.57 -6.58
C GLY A 508 -10.53 27.17 -6.13
N ILE A 509 -10.92 27.60 -4.92
CA ILE A 509 -12.26 27.32 -4.41
C ILE A 509 -13.30 28.03 -5.25
N TYR A 510 -13.02 29.26 -5.67
CA TYR A 510 -13.91 30.00 -6.56
C TYR A 510 -14.09 29.26 -7.89
N LYS A 511 -12.99 28.79 -8.47
CA LYS A 511 -13.06 28.06 -9.74
C LYS A 511 -13.83 26.76 -9.57
N TRP A 512 -13.66 26.10 -8.43
CA TRP A 512 -14.42 24.88 -8.14
C TRP A 512 -15.92 25.15 -8.13
N HIS A 513 -16.32 26.21 -7.42
CA HIS A 513 -17.74 26.53 -7.28
C HIS A 513 -18.36 26.88 -8.64
N ASN A 514 -17.68 27.72 -9.42
CA ASN A 514 -18.27 28.14 -10.69
C ASN A 514 -18.26 27.04 -11.72
N GLN A 515 -17.25 26.17 -11.72
CA GLN A 515 -17.27 25.04 -12.65
C GLN A 515 -18.41 24.09 -12.34
N VAL A 516 -18.66 23.81 -11.06
CA VAL A 516 -19.78 22.96 -10.68
C VAL A 516 -21.10 23.61 -11.06
N LYS A 517 -21.28 24.89 -10.69
CA LYS A 517 -22.53 25.58 -10.99
C LYS A 517 -22.75 25.73 -12.49
N GLN A 518 -21.69 25.92 -13.27
CA GLN A 518 -21.84 26.03 -14.71
C GLN A 518 -22.24 24.69 -15.32
N LYS A 519 -21.52 23.62 -14.96
CA LYS A 519 -21.74 22.34 -15.63
C LYS A 519 -23.08 21.72 -15.24
N ARG A 520 -23.50 21.91 -13.98
CA ARG A 520 -24.75 21.32 -13.47
C ARG A 520 -24.78 19.81 -13.65
N ALA A 521 -23.64 19.17 -13.36
CA ALA A 521 -23.51 17.74 -13.60
C ALA A 521 -24.26 16.93 -12.55
N LEU A 522 -24.47 15.65 -12.88
CA LEU A 522 -25.04 14.67 -11.96
C LEU A 522 -24.05 13.59 -11.54
N GLN A 523 -23.01 13.35 -12.34
CA GLN A 523 -21.99 12.37 -12.01
CA GLN A 523 -21.99 12.36 -12.01
C GLN A 523 -20.90 13.04 -11.18
N TYR A 524 -20.56 12.44 -10.04
CA TYR A 524 -19.54 12.98 -9.16
C TYR A 524 -18.73 11.83 -8.56
N SER A 525 -17.50 12.14 -8.15
CA SER A 525 -16.58 11.09 -7.70
C SER A 525 -15.62 11.60 -6.64
N THR A 526 -14.89 10.65 -6.06
CA THR A 526 -13.92 10.86 -5.00
C THR A 526 -12.52 10.52 -5.51
N LEU A 527 -11.53 10.62 -4.62
CA LEU A 527 -10.15 10.33 -5.01
C LEU A 527 -9.90 8.83 -5.15
N SER A 528 -10.71 7.98 -4.53
CA SER A 528 -10.69 6.55 -4.83
C SER A 528 -11.46 6.20 -6.09
N ASN A 529 -12.07 7.19 -6.77
CA ASN A 529 -12.92 7.01 -7.93
C ASN A 529 -14.24 6.31 -7.58
N ARG A 530 -14.61 6.25 -6.30
CA ARG A 530 -15.99 6.03 -5.91
C ARG A 530 -16.87 7.00 -6.67
N LYS A 531 -18.04 6.52 -7.13
CA LYS A 531 -18.90 7.31 -8.02
C LYS A 531 -20.32 7.35 -7.49
N VAL A 532 -21.00 8.46 -7.79
CA VAL A 532 -22.39 8.68 -7.45
C VAL A 532 -23.07 9.34 -8.64
N ILE A 533 -24.33 9.00 -8.87
CA ILE A 533 -25.16 9.71 -9.85
C ILE A 533 -26.34 10.33 -9.10
N PHE A 534 -26.46 11.65 -9.22
CA PHE A 534 -27.48 12.41 -8.53
C PHE A 534 -28.83 12.22 -9.23
N PRO A 535 -29.95 12.23 -8.50
CA PRO A 535 -31.25 12.27 -9.19
C PRO A 535 -31.53 13.62 -9.84
N TYR A 536 -30.99 14.69 -9.27
CA TYR A 536 -31.12 16.03 -9.82
C TYR A 536 -29.99 16.87 -9.26
N PHE A 537 -29.63 17.92 -9.97
CA PHE A 537 -28.47 18.72 -9.56
C PHE A 537 -28.79 19.53 -8.32
N SER A 538 -27.93 19.39 -7.30
CA SER A 538 -27.94 20.24 -6.11
C SER A 538 -26.52 20.74 -5.90
N PHE A 539 -26.37 22.07 -5.87
CA PHE A 539 -25.04 22.68 -5.80
C PHE A 539 -24.31 22.28 -4.52
N THR A 540 -24.99 22.39 -3.38
CA THR A 540 -24.34 22.08 -2.10
C THR A 540 -23.96 20.60 -2.01
N LYS A 541 -24.88 19.71 -2.41
CA LYS A 541 -24.56 18.28 -2.42
C LYS A 541 -23.40 17.98 -3.36
N ALA A 542 -23.33 18.70 -4.48
CA ALA A 542 -22.25 18.48 -5.44
C ALA A 542 -20.91 18.87 -4.85
N LEU A 543 -20.86 19.95 -4.07
CA LEU A 543 -19.60 20.31 -3.42
C LEU A 543 -19.28 19.37 -2.27
N ASN A 544 -20.30 18.83 -1.60
CA ASN A 544 -20.06 18.03 -0.40
C ASN A 544 -19.58 16.63 -0.74
N TYR A 545 -19.96 16.07 -1.91
CA TYR A 545 -19.68 14.66 -2.17
C TYR A 545 -18.19 14.34 -2.25
N PRO A 546 -17.35 15.04 -3.04
CA PRO A 546 -15.94 14.63 -3.12
C PRO A 546 -15.22 14.72 -1.79
N VAL A 547 -15.56 15.71 -0.97
CA VAL A 547 -14.92 15.87 0.34
C VAL A 547 -15.30 14.70 1.24
N GLN A 548 -16.60 14.53 1.50
CA GLN A 548 -17.04 13.50 2.43
C GLN A 548 -16.72 12.10 1.92
N GLY A 549 -16.88 11.88 0.62
CA GLY A 549 -16.57 10.57 0.08
C GLY A 549 -15.09 10.24 0.13
N THR A 550 -14.23 11.25 -0.03
CA THR A 550 -12.80 11.01 0.15
C THR A 550 -12.46 10.74 1.61
N CYS A 551 -13.17 11.38 2.55
CA CYS A 551 -12.99 11.03 3.96
C CYS A 551 -13.32 9.56 4.21
N ALA A 552 -14.44 9.09 3.64
CA ALA A 552 -14.80 7.69 3.78
C ALA A 552 -13.75 6.78 3.18
N ASP A 553 -13.17 7.18 2.04
CA ASP A 553 -12.06 6.41 1.46
C ASP A 553 -10.88 6.35 2.42
N ILE A 554 -10.54 7.48 3.04
CA ILE A 554 -9.38 7.55 3.93
C ILE A 554 -9.60 6.69 5.17
N LEU A 555 -10.77 6.80 5.78
CA LEU A 555 -11.04 6.03 6.99
C LEU A 555 -11.09 4.54 6.70
N LYS A 556 -11.71 4.15 5.59
CA LYS A 556 -11.81 2.72 5.27
C LYS A 556 -10.45 2.12 4.98
N LEU A 557 -9.62 2.81 4.20
CA LEU A 557 -8.26 2.31 3.95
C LEU A 557 -7.44 2.31 5.23
N ALA A 558 -7.66 3.29 6.10
CA ALA A 558 -6.97 3.32 7.38
C ALA A 558 -7.32 2.10 8.22
N LEU A 559 -8.58 1.67 8.16
CA LEU A 559 -8.96 0.45 8.88
C LEU A 559 -8.34 -0.78 8.24
N VAL A 560 -8.12 -0.78 6.93
CA VAL A 560 -7.46 -1.92 6.29
C VAL A 560 -6.01 -2.03 6.75
N ASP A 561 -5.26 -0.93 6.66
CA ASP A 561 -3.88 -0.94 7.12
C ASP A 561 -3.79 -1.21 8.61
N LEU A 562 -4.65 -0.57 9.39
CA LEU A 562 -4.69 -0.76 10.84
C LEU A 562 -4.95 -2.22 11.19
N TYR A 563 -5.85 -2.87 10.46
CA TYR A 563 -6.15 -4.28 10.72
C TYR A 563 -4.92 -5.16 10.47
N ASP A 564 -4.24 -4.94 9.34
CA ASP A 564 -3.05 -5.75 9.05
C ASP A 564 -1.93 -5.46 10.03
N ASN A 565 -1.86 -4.23 10.57
CA ASN A 565 -0.75 -3.87 11.45
C ASN A 565 -0.96 -4.29 12.89
N LEU A 566 -2.20 -4.38 13.36
CA LEU A 566 -2.47 -4.68 14.77
C LEU A 566 -2.36 -6.16 15.11
N LYS A 567 -1.99 -7.03 14.16
CA LYS A 567 -2.02 -8.46 14.44
C LYS A 567 -0.95 -8.87 15.44
N ASP A 568 0.23 -8.25 15.38
CA ASP A 568 1.34 -8.64 16.24
C ASP A 568 1.01 -8.41 17.71
N ILE A 569 0.43 -7.26 18.03
CA ILE A 569 -0.02 -6.98 19.40
C ILE A 569 -1.43 -7.51 19.66
N ASN A 570 -2.06 -8.18 18.70
CA ASN A 570 -3.44 -8.70 18.82
C ASN A 570 -4.41 -7.58 19.21
N GLY A 571 -4.26 -6.44 18.53
CA GLY A 571 -5.15 -5.32 18.78
C GLY A 571 -6.54 -5.58 18.24
N LYS A 572 -7.51 -4.99 18.91
CA LYS A 572 -8.93 -5.07 18.53
C LYS A 572 -9.39 -3.71 18.04
N ILE A 573 -10.06 -3.68 16.90
CA ILE A 573 -10.66 -2.46 16.38
C ILE A 573 -12.10 -2.42 16.90
N ILE A 574 -12.47 -1.29 17.50
CA ILE A 574 -13.72 -1.15 18.24
C ILE A 574 -14.73 -0.31 17.46
N LEU A 575 -14.37 0.93 17.12
CA LEU A 575 -15.37 1.90 16.70
C LEU A 575 -14.78 2.89 15.71
N CYS A 576 -15.60 3.26 14.73
CA CYS A 576 -15.28 4.33 13.79
C CYS A 576 -16.52 5.19 13.61
N VAL A 577 -16.42 6.47 13.98
CA VAL A 577 -17.52 7.42 13.85
C VAL A 577 -16.94 8.76 13.42
N HIS A 578 -17.62 9.42 12.49
CA HIS A 578 -17.18 10.72 11.93
C HIS A 578 -15.77 10.52 11.39
N ASP A 579 -14.76 11.24 11.88
CA ASP A 579 -13.37 11.06 11.48
C ASP A 579 -12.53 10.51 12.64
N GLU A 580 -13.15 9.64 13.45
CA GLU A 580 -12.55 9.09 14.66
C GLU A 580 -12.47 7.58 14.57
N ILE A 581 -11.39 7.01 15.13
CA ILE A 581 -11.19 5.57 15.23
C ILE A 581 -10.80 5.24 16.66
N ILE A 582 -11.30 4.11 17.17
CA ILE A 582 -11.02 3.62 18.52
C ILE A 582 -10.57 2.16 18.40
N ILE A 583 -9.43 1.85 19.04
CA ILE A 583 -8.90 0.50 19.14
C ILE A 583 -8.68 0.16 20.61
N GLU A 584 -8.70 -1.14 20.91
CA GLU A 584 -8.34 -1.68 22.20
C GLU A 584 -7.06 -2.49 22.09
N VAL A 585 -6.18 -2.36 23.08
CA VAL A 585 -5.00 -3.21 23.20
C VAL A 585 -4.74 -3.46 24.67
N ASN A 586 -4.05 -4.58 24.95
CA ASN A 586 -3.57 -4.83 26.29
C ASN A 586 -2.60 -3.73 26.71
N LYS A 587 -2.63 -3.40 28.00
CA LYS A 587 -1.93 -2.21 28.48
C LYS A 587 -0.42 -2.27 28.29
N LYS A 588 0.15 -3.46 28.07
CA LYS A 588 1.59 -3.55 27.81
C LYS A 588 1.97 -2.96 26.45
N PHE A 589 1.06 -2.99 25.47
CA PHE A 589 1.34 -2.46 24.12
C PHE A 589 0.82 -1.04 23.94
N GLN A 590 0.79 -0.24 25.01
CA GLN A 590 0.13 1.06 24.98
C GLN A 590 0.83 2.02 24.00
N GLU A 591 2.10 2.33 24.27
CA GLU A 591 2.85 3.25 23.42
C GLU A 591 3.01 2.72 22.00
N GLU A 592 3.19 1.41 21.86
CA GLU A 592 3.31 0.79 20.54
C GLU A 592 2.05 1.04 19.72
N ALA A 593 0.89 0.65 20.26
CA ALA A 593 -0.38 0.80 19.55
C ALA A 593 -0.69 2.25 19.21
N LEU A 594 -0.24 3.18 20.05
CA LEU A 594 -0.30 4.60 19.71
C LEU A 594 0.37 4.84 18.35
N LYS A 595 1.60 4.35 18.20
CA LYS A 595 2.32 4.55 16.93
C LYS A 595 1.62 3.82 15.78
N ILE A 596 1.12 2.61 16.02
CA ILE A 596 0.49 1.84 14.96
C ILE A 596 -0.73 2.59 14.41
N LEU A 597 -1.56 3.12 15.32
CA LEU A 597 -2.80 3.77 14.91
C LEU A 597 -2.51 5.02 14.09
N VAL A 598 -1.65 5.90 14.60
CA VAL A 598 -1.38 7.16 13.90
C VAL A 598 -0.74 6.88 12.54
N GLN A 599 0.20 5.93 12.48
CA GLN A 599 0.86 5.66 11.22
C GLN A 599 -0.10 5.06 10.20
N SER A 600 -1.03 4.21 10.64
CA SER A 600 -1.99 3.62 9.72
C SER A 600 -2.89 4.70 9.11
N MET A 601 -3.41 5.59 9.95
CA MET A 601 -4.27 6.66 9.43
C MET A 601 -3.48 7.61 8.52
N GLU A 602 -2.23 7.92 8.89
CA GLU A 602 -1.42 8.80 8.06
C GLU A 602 -1.10 8.16 6.72
N ASN A 603 -0.82 6.85 6.70
CA ASN A 603 -0.51 6.18 5.45
C ASN A 603 -1.70 6.17 4.51
N SER A 604 -2.91 6.02 5.05
CA SER A 604 -4.12 6.08 4.21
C SER A 604 -4.30 7.46 3.60
N ALA A 605 -4.25 8.50 4.43
CA ALA A 605 -4.36 9.86 3.91
C ALA A 605 -3.22 10.18 2.94
N SER A 606 -2.04 9.60 3.16
CA SER A 606 -0.93 9.79 2.23
C SER A 606 -1.18 9.08 0.91
N TYR A 607 -1.94 7.98 0.91
CA TYR A 607 -2.32 7.33 -0.34
C TYR A 607 -3.11 8.30 -1.22
N PHE A 608 -4.08 9.01 -0.63
CA PHE A 608 -5.01 9.79 -1.45
C PHE A 608 -4.58 11.24 -1.65
N LEU A 609 -3.91 11.86 -0.69
CA LEU A 609 -3.61 13.29 -0.70
C LEU A 609 -2.12 13.51 -0.92
N LYS A 610 -1.78 14.28 -1.96
CA LYS A 610 -0.39 14.55 -2.35
C LYS A 610 0.09 15.93 -1.93
N LYS A 611 -0.75 16.96 -2.05
CA LYS A 611 -0.34 18.34 -1.83
C LYS A 611 -0.59 18.84 -0.40
N VAL A 612 -0.96 17.96 0.53
CA VAL A 612 -1.31 18.38 1.88
C VAL A 612 -1.13 17.18 2.81
N LYS A 613 -0.52 17.43 3.97
CA LYS A 613 -0.27 16.40 4.97
C LYS A 613 -1.33 16.49 6.05
N CYS A 614 -1.96 15.35 6.36
CA CYS A 614 -3.04 15.31 7.34
C CYS A 614 -2.51 15.63 8.73
N GLU A 615 -3.45 15.78 9.66
CA GLU A 615 -3.15 15.96 11.08
C GLU A 615 -3.99 14.98 11.89
N VAL A 616 -3.32 14.16 12.69
CA VAL A 616 -3.96 13.21 13.60
C VAL A 616 -3.76 13.73 15.02
N SER A 617 -4.87 13.84 15.75
CA SER A 617 -4.85 14.03 17.20
C SER A 617 -5.20 12.70 17.84
N VAL A 618 -4.29 12.15 18.64
CA VAL A 618 -4.46 10.85 19.28
C VAL A 618 -4.38 11.02 20.79
N LYS A 619 -5.15 10.19 21.50
CA LYS A 619 -5.18 10.18 22.95
C LYS A 619 -5.35 8.74 23.41
N ILE A 620 -4.64 8.38 24.46
CA ILE A 620 -4.88 7.13 25.18
C ILE A 620 -5.89 7.42 26.28
N ALA A 621 -6.81 6.49 26.50
CA ALA A 621 -7.90 6.72 27.43
C ALA A 621 -8.39 5.39 27.98
N GLU A 622 -9.00 5.46 29.16
CA GLU A 622 -9.72 4.35 29.75
C GLU A 622 -11.24 4.47 29.54
N ASN A 623 -11.69 5.37 28.68
CA ASN A 623 -13.10 5.55 28.39
C ASN A 623 -13.22 6.48 27.19
N TRP A 624 -14.41 6.48 26.58
CA TRP A 624 -14.61 7.26 25.37
C TRP A 624 -14.68 8.76 25.66
N GLY A 625 -15.15 9.15 26.83
CA GLY A 625 -15.34 10.56 27.14
C GLY A 625 -14.06 11.33 27.41
N SER A 626 -12.94 10.66 27.63
CA SER A 626 -11.69 11.31 27.97
C SER A 626 -11.22 12.26 26.85
N GLU B 2 52.51 -12.47 25.78
CA GLU B 2 52.03 -12.41 27.16
C GLU B 2 50.69 -11.65 27.19
N ILE B 3 50.72 -10.34 27.42
CA ILE B 3 49.49 -9.55 27.34
C ILE B 3 48.93 -9.59 25.94
N THR B 4 49.80 -9.67 24.93
CA THR B 4 49.35 -9.72 23.54
C THR B 4 48.62 -11.01 23.20
N LYS B 5 48.75 -12.05 24.03
CA LYS B 5 48.05 -13.33 23.85
C LYS B 5 47.03 -13.58 24.95
N LYS B 6 46.57 -12.53 25.64
CA LYS B 6 45.75 -12.71 26.84
C LYS B 6 44.40 -13.33 26.53
N TYR B 7 43.86 -13.10 25.33
CA TYR B 7 42.52 -13.53 24.94
C TYR B 7 42.53 -14.21 23.58
N ILE B 8 43.51 -15.09 23.34
CA ILE B 8 43.50 -15.90 22.12
C ILE B 8 42.41 -16.96 22.23
N LYS B 9 42.03 -17.33 23.46
CA LYS B 9 40.81 -18.08 23.71
C LYS B 9 39.62 -17.47 22.97
N ASP B 10 39.52 -16.14 22.98
CA ASP B 10 38.50 -15.39 22.26
C ASP B 10 38.98 -14.87 20.91
N ASN B 11 40.14 -15.33 20.42
CA ASN B 11 40.64 -14.98 19.10
C ASN B 11 40.97 -13.48 18.98
N ILE B 12 41.39 -12.87 20.09
CA ILE B 12 41.64 -11.44 20.17
C ILE B 12 43.13 -11.22 20.43
N ILE B 13 43.70 -10.23 19.73
CA ILE B 13 45.08 -9.80 19.92
C ILE B 13 45.05 -8.46 20.64
N ASN B 14 45.92 -8.30 21.65
CA ASN B 14 46.05 -7.06 22.42
C ASN B 14 47.34 -6.38 21.98
N VAL B 15 47.20 -5.40 21.08
CA VAL B 15 48.39 -4.76 20.50
C VAL B 15 48.92 -3.67 21.43
N ASP B 16 48.02 -2.91 22.07
CA ASP B 16 48.38 -1.66 22.75
C ASP B 16 47.82 -1.56 24.15
N ASP B 17 47.61 -2.69 24.83
CA ASP B 17 47.26 -2.77 26.24
C ASP B 17 45.84 -2.29 26.54
N ASN B 18 45.08 -1.82 25.55
CA ASN B 18 43.90 -1.01 25.78
C ASN B 18 42.60 -1.81 25.87
N ILE B 19 42.61 -3.01 26.46
CA ILE B 19 41.44 -3.89 26.47
C ILE B 19 41.39 -4.67 27.79
N ILE B 20 40.18 -4.76 28.36
CA ILE B 20 39.91 -5.56 29.54
C ILE B 20 38.70 -6.44 29.24
N LYS B 21 38.71 -7.67 29.75
CA LYS B 21 37.57 -8.59 29.68
C LYS B 21 36.88 -8.55 31.04
N LYS B 22 35.90 -7.67 31.17
CA LYS B 22 35.11 -7.56 32.39
C LYS B 22 33.94 -8.52 32.33
N LYS B 23 33.53 -9.02 33.50
CA LYS B 23 32.36 -9.86 33.66
C LYS B 23 31.41 -9.19 34.65
N ASP B 24 30.15 -9.01 34.25
CA ASP B 24 29.17 -8.34 35.10
C ASP B 24 27.80 -8.95 34.85
N ILE B 25 26.86 -8.57 35.71
CA ILE B 25 25.46 -8.98 35.64
C ILE B 25 24.69 -7.93 34.86
N PHE B 26 23.76 -8.39 34.02
CA PHE B 26 22.82 -7.52 33.33
C PHE B 26 21.41 -8.03 33.59
N LYS B 27 20.43 -7.13 33.41
CA LYS B 27 19.03 -7.39 33.69
C LYS B 27 18.32 -7.65 32.37
N LEU B 28 17.81 -8.88 32.19
CA LEU B 28 17.16 -9.28 30.94
C LEU B 28 15.99 -10.19 31.23
N LYS B 29 14.87 -9.91 30.56
CA LYS B 29 13.62 -10.66 30.77
C LYS B 29 13.67 -12.00 30.05
N ASN B 30 13.29 -13.06 30.77
CA ASN B 30 13.31 -14.40 30.19
C ASN B 30 12.03 -14.62 29.38
N GLU B 31 11.78 -15.87 28.98
CA GLU B 31 10.60 -16.16 28.16
C GLU B 31 9.29 -15.95 28.93
N ASN B 32 9.28 -16.30 30.21
CA ASN B 32 8.06 -16.28 31.02
C ASN B 32 7.87 -14.97 31.81
N ASN B 33 8.59 -13.90 31.44
CA ASN B 33 8.37 -12.57 31.99
C ASN B 33 8.81 -12.48 33.46
N GLU B 34 9.96 -13.08 33.78
CA GLU B 34 10.69 -12.77 35.00
C GLU B 34 12.11 -12.37 34.62
N ILE B 35 12.66 -11.37 35.30
CA ILE B 35 13.93 -10.77 34.92
C ILE B 35 15.05 -11.65 35.47
N THR B 36 15.86 -12.20 34.57
CA THR B 36 17.05 -12.94 34.94
C THR B 36 18.22 -11.97 35.10
N GLU B 37 18.90 -12.09 36.25
CA GLU B 37 20.17 -11.41 36.50
C GLU B 37 21.26 -12.30 35.93
N CYS B 38 21.51 -12.15 34.63
CA CYS B 38 22.43 -13.04 33.92
C CYS B 38 23.82 -12.42 33.83
N ALA B 39 24.84 -13.25 34.08
CA ALA B 39 26.22 -12.82 33.97
C ALA B 39 26.70 -13.00 32.54
N PHE B 40 27.45 -12.01 32.06
CA PHE B 40 28.06 -12.07 30.74
C PHE B 40 29.48 -11.53 30.83
N GLU B 41 30.33 -12.07 29.95
CA GLU B 41 31.73 -11.68 29.83
C GLU B 41 31.85 -10.79 28.59
N TYR B 42 32.07 -9.50 28.80
CA TYR B 42 32.22 -8.51 27.73
C TYR B 42 33.61 -7.89 27.77
N PHE B 43 33.92 -7.17 26.69
CA PHE B 43 35.19 -6.50 26.52
C PHE B 43 34.98 -5.00 26.55
N GLU B 44 35.85 -4.30 27.28
CA GLU B 44 35.77 -2.85 27.40
C GLU B 44 37.18 -2.28 27.30
N SER B 45 37.31 -1.14 26.63
CA SER B 45 38.61 -0.52 26.46
C SER B 45 39.10 0.05 27.80
N LYS B 46 40.42 0.19 27.92
CA LYS B 46 40.98 0.82 29.12
C LYS B 46 40.81 2.33 29.07
N LYS B 47 41.45 2.98 28.10
CA LYS B 47 41.21 4.39 27.87
C LYS B 47 39.81 4.58 27.31
N LYS B 48 38.96 5.29 28.05
CA LYS B 48 37.59 5.51 27.63
C LYS B 48 37.53 6.60 26.56
N PHE B 49 36.63 6.44 25.61
CA PHE B 49 36.46 7.42 24.55
C PHE B 49 35.77 8.67 25.08
N ASP B 50 36.11 9.82 24.49
CA ASP B 50 35.49 11.08 24.89
C ASP B 50 34.00 11.07 24.63
N ASP B 51 33.57 10.43 23.55
CA ASP B 51 32.17 10.43 23.13
C ASP B 51 31.34 9.46 23.97
N ASP B 52 30.03 9.46 23.73
CA ASP B 52 29.06 8.67 24.47
C ASP B 52 28.56 7.45 23.68
N ILE B 53 29.29 7.02 22.66
CA ILE B 53 28.88 5.87 21.85
C ILE B 53 29.30 4.60 22.56
N GLU B 54 28.46 3.57 22.48
CA GLU B 54 28.74 2.29 23.14
C GLU B 54 29.95 1.65 22.47
N SER B 55 31.04 1.54 23.23
CA SER B 55 32.29 0.95 22.75
C SER B 55 32.57 -0.43 23.35
N ARG B 56 31.70 -0.93 24.24
CA ARG B 56 31.85 -2.25 24.83
C ARG B 56 31.23 -3.28 23.88
N PHE B 57 31.73 -4.52 23.95
CA PHE B 57 31.23 -5.55 23.05
C PHE B 57 31.31 -6.95 23.67
N PHE B 58 30.33 -7.77 23.32
CA PHE B 58 30.41 -9.21 23.46
C PHE B 58 31.02 -9.80 22.19
N ILE B 59 31.97 -10.73 22.37
CA ILE B 59 32.50 -11.54 21.28
C ILE B 59 31.88 -12.92 21.40
N ILE B 60 31.32 -13.42 20.30
CA ILE B 60 30.62 -14.71 20.26
C ILE B 60 31.44 -15.66 19.41
N ASN B 61 31.82 -16.78 20.00
CA ASN B 61 32.51 -17.87 19.31
C ASN B 61 32.07 -19.18 19.95
N ASP B 62 32.61 -20.29 19.45
CA ASP B 62 32.15 -21.60 19.90
C ASP B 62 32.49 -21.84 21.37
N ASN B 63 33.63 -21.33 21.84
CA ASN B 63 34.09 -21.65 23.19
C ASN B 63 33.22 -20.95 24.24
N ASN B 64 33.12 -19.62 24.16
CA ASN B 64 32.46 -18.83 25.18
C ASN B 64 30.97 -18.62 24.90
N TYR B 65 30.36 -19.46 24.08
CA TYR B 65 28.97 -19.25 23.69
C TYR B 65 28.03 -19.39 24.87
N ASN B 66 27.21 -18.36 25.08
CA ASN B 66 26.15 -18.36 26.09
C ASN B 66 24.83 -18.15 25.37
N GLU B 67 23.95 -19.16 25.46
CA GLU B 67 22.63 -19.08 24.82
C GLU B 67 21.85 -17.87 25.31
N ASN B 68 22.06 -17.48 26.57
CA ASN B 68 21.35 -16.34 27.14
C ASN B 68 21.64 -15.01 26.45
N ILE B 69 22.66 -14.94 25.59
CA ILE B 69 22.88 -13.71 24.83
C ILE B 69 21.69 -13.42 23.92
N ASN B 70 20.99 -14.46 23.46
CA ASN B 70 19.80 -14.25 22.65
C ASN B 70 18.72 -13.48 23.41
N LEU B 71 18.70 -13.58 24.75
CA LEU B 71 17.67 -12.92 25.52
C LEU B 71 17.77 -11.40 25.48
N ILE B 72 18.87 -10.82 25.02
CA ILE B 72 18.91 -9.36 24.90
C ILE B 72 17.98 -8.89 23.77
N TYR B 73 17.67 -9.76 22.81
CA TYR B 73 16.80 -9.37 21.69
C TYR B 73 15.32 -9.30 22.06
N LYS B 74 14.95 -9.74 23.26
CA LYS B 74 13.54 -9.95 23.60
C LYS B 74 12.79 -8.62 23.63
N ASP B 75 11.67 -8.55 22.89
CA ASP B 75 10.79 -7.38 22.80
C ASP B 75 11.51 -6.14 22.26
N ILE B 76 12.61 -6.30 21.51
CA ILE B 76 13.30 -5.15 20.93
C ILE B 76 12.59 -4.73 19.66
N LYS B 77 12.47 -3.42 19.45
CA LYS B 77 11.79 -2.85 18.29
C LYS B 77 12.75 -2.46 17.17
N TYR B 78 14.01 -2.21 17.49
CA TYR B 78 14.99 -1.79 16.49
C TYR B 78 16.39 -2.11 17.00
N CYS B 79 17.31 -2.34 16.06
CA CYS B 79 18.68 -2.64 16.39
C CYS B 79 19.59 -2.13 15.29
N GLY B 80 20.82 -1.78 15.67
CA GLY B 80 21.84 -1.42 14.68
C GLY B 80 22.51 -2.67 14.17
N LEU B 81 22.56 -2.81 12.83
CA LEU B 81 23.17 -3.95 12.15
C LEU B 81 24.35 -3.47 11.33
N ASN B 82 25.50 -4.12 11.50
CA ASN B 82 26.63 -3.91 10.60
C ASN B 82 27.35 -5.25 10.42
N ILE B 83 28.08 -5.36 9.31
CA ILE B 83 28.91 -6.52 9.05
C ILE B 83 30.29 -6.04 8.59
N GLN B 84 31.30 -6.87 8.86
CA GLN B 84 32.65 -6.67 8.35
C GLN B 84 32.98 -7.83 7.42
N THR B 85 33.56 -7.50 6.27
CA THR B 85 33.80 -8.44 5.18
C THR B 85 35.28 -8.47 4.81
N THR B 86 35.67 -9.51 4.08
CA THR B 86 37.04 -9.61 3.57
C THR B 86 37.25 -8.82 2.28
N GLY B 87 36.19 -8.43 1.61
CA GLY B 87 36.31 -7.54 0.47
C GLY B 87 34.95 -7.06 0.02
N LEU B 88 34.91 -6.55 -1.22
CA LEU B 88 33.69 -5.94 -1.74
C LEU B 88 32.84 -6.92 -2.54
N GLU B 89 33.45 -7.78 -3.34
CA GLU B 89 32.70 -8.71 -4.19
C GLU B 89 32.15 -9.84 -3.32
N VAL B 90 30.82 -9.96 -3.27
CA VAL B 90 30.18 -10.95 -2.40
C VAL B 90 30.60 -12.36 -2.80
N PHE B 91 30.54 -12.66 -4.11
CA PHE B 91 30.81 -14.03 -4.57
C PHE B 91 32.24 -14.46 -4.27
N ASP B 92 33.18 -13.52 -4.24
CA ASP B 92 34.59 -13.82 -4.02
C ASP B 92 35.04 -13.60 -2.58
N GLU B 93 34.14 -13.19 -1.67
CA GLU B 93 34.53 -12.76 -0.33
C GLU B 93 33.56 -13.33 0.69
N ASN B 94 33.98 -13.26 1.96
CA ASN B 94 33.25 -13.83 3.09
C ASN B 94 32.90 -12.74 4.10
N ILE B 95 31.92 -13.07 4.93
CA ILE B 95 31.53 -12.23 6.07
C ILE B 95 32.43 -12.60 7.23
N ARG B 96 33.23 -11.64 7.71
CA ARG B 96 34.11 -11.88 8.86
C ARG B 96 33.38 -11.69 10.18
N LEU B 97 32.57 -10.63 10.30
CA LEU B 97 31.86 -10.33 11.54
C LEU B 97 30.44 -9.89 11.22
N ILE B 98 29.53 -10.19 12.15
CA ILE B 98 28.16 -9.67 12.11
C ILE B 98 27.88 -9.04 13.46
N GLN B 99 27.61 -7.74 13.47
CA GLN B 99 27.41 -6.95 14.68
C GLN B 99 25.95 -6.55 14.83
N ILE B 100 25.44 -6.69 16.05
CA ILE B 100 24.06 -6.31 16.41
C ILE B 100 24.15 -5.45 17.67
N ALA B 101 23.87 -4.15 17.52
CA ALA B 101 23.88 -3.20 18.63
C ALA B 101 22.45 -3.02 19.13
N VAL B 102 22.22 -3.34 20.41
CA VAL B 102 20.92 -3.23 21.06
C VAL B 102 20.97 -2.09 22.08
N GLU B 103 19.85 -1.40 22.21
CA GLU B 103 19.76 -0.19 23.05
C GLU B 103 20.15 -0.47 24.49
N ASN B 104 21.19 0.24 24.93
CA ASN B 104 21.71 0.22 26.30
C ASN B 104 22.48 -1.06 26.64
N TYR B 105 22.93 -1.82 25.64
CA TYR B 105 23.72 -3.04 25.84
C TYR B 105 25.04 -2.95 25.05
N PRO B 106 26.12 -3.59 25.51
CA PRO B 106 27.30 -3.76 24.64
C PRO B 106 26.93 -4.43 23.32
N VAL B 107 27.74 -4.14 22.29
CA VAL B 107 27.43 -4.62 20.96
C VAL B 107 27.72 -6.12 20.86
N ILE B 108 26.80 -6.86 20.27
CA ILE B 108 26.95 -8.31 20.13
C ILE B 108 27.66 -8.56 18.79
N ILE B 109 28.91 -9.01 18.86
CA ILE B 109 29.73 -9.28 17.68
C ILE B 109 29.81 -10.79 17.49
N TYR B 110 29.33 -11.26 16.34
CA TYR B 110 29.42 -12.67 15.97
C TYR B 110 30.68 -12.90 15.16
N ASP B 111 31.53 -13.82 15.62
CA ASP B 111 32.79 -14.15 14.97
C ASP B 111 32.51 -15.23 13.92
N MET B 112 32.39 -14.82 12.65
CA MET B 112 31.93 -15.77 11.63
C MET B 112 32.98 -16.82 11.33
N PHE B 113 34.26 -16.45 11.37
CA PHE B 113 35.31 -17.44 11.11
C PHE B 113 35.39 -18.46 12.25
N ASN B 114 35.24 -18.01 13.49
CA ASN B 114 35.36 -18.86 14.67
C ASN B 114 33.99 -19.26 15.23
N ILE B 115 33.03 -19.55 14.35
CA ILE B 115 31.76 -20.15 14.72
C ILE B 115 31.47 -21.28 13.74
N ASN B 116 31.06 -22.44 14.27
CA ASN B 116 30.66 -23.59 13.46
C ASN B 116 29.34 -24.22 13.90
N LYS B 117 28.77 -23.80 15.03
CA LYS B 117 27.49 -24.31 15.52
C LYS B 117 26.35 -23.46 14.99
N LYS B 118 25.28 -24.13 14.53
CA LYS B 118 24.14 -23.39 13.99
C LYS B 118 23.30 -22.74 15.09
N ASP B 119 23.25 -23.35 16.29
CA ASP B 119 22.36 -22.91 17.35
C ASP B 119 22.61 -21.45 17.74
N ILE B 120 23.87 -21.02 17.66
CA ILE B 120 24.23 -19.63 17.98
C ILE B 120 23.45 -18.68 17.08
N LEU B 121 23.57 -18.91 15.77
CA LEU B 121 22.97 -17.99 14.80
C LEU B 121 21.45 -18.01 14.81
N ASP B 122 20.82 -18.96 15.52
CA ASP B 122 19.36 -18.98 15.60
C ASP B 122 18.82 -17.68 16.17
N GLY B 123 19.52 -17.10 17.15
CA GLY B 123 19.10 -15.80 17.67
C GLY B 123 19.22 -14.71 16.62
N LEU B 124 20.34 -14.71 15.88
CA LEU B 124 20.56 -13.69 14.85
C LEU B 124 19.52 -13.82 13.74
N ARG B 125 19.35 -15.03 13.21
CA ARG B 125 18.41 -15.25 12.11
C ARG B 125 16.98 -14.90 12.51
N LYS B 126 16.61 -15.13 13.77
CA LYS B 126 15.31 -14.67 14.25
C LYS B 126 15.20 -13.15 14.14
N VAL B 127 16.15 -12.42 14.71
CA VAL B 127 16.08 -10.96 14.65
C VAL B 127 15.94 -10.51 13.20
N LEU B 128 16.83 -11.02 12.33
CA LEU B 128 16.89 -10.55 10.94
C LEU B 128 15.57 -10.78 10.21
N GLU B 129 14.99 -11.97 10.35
CA GLU B 129 13.71 -12.22 9.72
C GLU B 129 12.57 -11.46 10.36
N ASN B 130 12.69 -11.04 11.62
CA ASN B 130 11.56 -10.47 12.36
C ASN B 130 11.15 -9.15 11.74
N LYS B 131 10.06 -9.18 10.97
CA LYS B 131 9.61 -8.00 10.23
C LYS B 131 9.28 -6.83 11.14
N ASN B 132 9.07 -7.07 12.43
CA ASN B 132 8.70 -6.02 13.38
C ASN B 132 9.91 -5.39 14.07
N ILE B 133 11.12 -5.83 13.75
CA ILE B 133 12.35 -5.23 14.27
C ILE B 133 12.98 -4.46 13.12
N ILE B 134 13.15 -3.15 13.31
CA ILE B 134 13.85 -2.35 12.31
C ILE B 134 15.34 -2.64 12.38
N LYS B 135 15.97 -2.81 11.22
CA LYS B 135 17.41 -3.05 11.11
C LYS B 135 18.02 -1.77 10.58
N ILE B 136 18.67 -1.01 11.44
CA ILE B 136 19.38 0.19 11.01
C ILE B 136 20.69 -0.27 10.39
N ILE B 137 20.94 0.16 9.16
CA ILE B 137 22.14 -0.23 8.41
C ILE B 137 22.70 1.02 7.74
N GLN B 138 24.03 1.05 7.63
CA GLN B 138 24.72 1.97 6.74
C GLN B 138 25.12 1.16 5.50
N ASN B 139 24.67 1.62 4.33
CA ASN B 139 24.80 0.88 3.08
C ASN B 139 24.09 -0.46 3.20
N GLY B 140 22.76 -0.43 3.08
CA GLY B 140 21.98 -1.65 3.27
C GLY B 140 22.07 -2.61 2.11
N LYS B 141 22.30 -2.11 0.90
CA LYS B 141 22.46 -2.99 -0.25
C LYS B 141 23.67 -3.90 -0.07
N PHE B 142 24.80 -3.31 0.33
CA PHE B 142 26.04 -4.06 0.53
C PHE B 142 25.85 -5.18 1.55
N ASP B 143 25.37 -4.82 2.75
CA ASP B 143 25.22 -5.80 3.82
C ASP B 143 24.14 -6.83 3.48
N ALA B 144 23.00 -6.37 2.98
CA ALA B 144 21.91 -7.29 2.68
C ALA B 144 22.28 -8.25 1.55
N LYS B 145 23.08 -7.78 0.59
CA LYS B 145 23.53 -8.67 -0.48
C LYS B 145 24.45 -9.75 0.07
N PHE B 146 25.37 -9.38 0.96
CA PHE B 146 26.23 -10.38 1.61
C PHE B 146 25.40 -11.39 2.40
N LEU B 147 24.48 -10.90 3.23
CA LEU B 147 23.71 -11.79 4.08
C LEU B 147 22.79 -12.70 3.27
N LEU B 148 22.11 -12.14 2.27
CA LEU B 148 21.19 -12.93 1.48
C LEU B 148 21.92 -14.00 0.67
N HIS B 149 23.10 -13.67 0.15
CA HIS B 149 23.87 -14.68 -0.58
C HIS B 149 24.46 -15.73 0.38
N ASN B 150 24.74 -15.34 1.63
CA ASN B 150 25.20 -16.27 2.65
C ASN B 150 24.05 -16.91 3.44
N ASN B 151 22.85 -16.98 2.84
CA ASN B 151 21.73 -17.76 3.37
C ASN B 151 21.27 -17.23 4.73
N PHE B 152 21.05 -15.92 4.78
CA PHE B 152 20.29 -15.27 5.82
C PHE B 152 19.11 -14.57 5.17
N LYS B 153 18.12 -14.20 5.98
CA LYS B 153 16.92 -13.51 5.51
C LYS B 153 16.67 -12.31 6.40
N ILE B 154 16.44 -11.16 5.77
CA ILE B 154 16.30 -9.88 6.46
C ILE B 154 15.08 -9.16 5.92
N GLU B 155 14.35 -8.48 6.81
CA GLU B 155 13.29 -7.57 6.40
C GLU B 155 13.26 -6.38 7.35
N ASN B 156 12.62 -5.30 6.88
CA ASN B 156 12.48 -4.05 7.63
C ASN B 156 13.84 -3.42 7.87
N ILE B 157 14.21 -2.45 7.02
CA ILE B 157 15.52 -1.80 7.03
C ILE B 157 15.31 -0.30 7.10
N PHE B 158 16.17 0.38 7.87
CA PHE B 158 16.34 1.82 7.79
C PHE B 158 17.78 2.07 7.37
N ASP B 159 17.98 2.52 6.14
CA ASP B 159 19.32 2.77 5.61
C ASP B 159 19.69 4.22 5.91
N THR B 160 20.67 4.42 6.79
CA THR B 160 21.14 5.76 7.11
C THR B 160 21.81 6.42 5.92
N TYR B 161 22.35 5.64 4.98
CA TYR B 161 22.86 6.25 3.74
C TYR B 161 21.73 6.86 2.93
N ILE B 162 20.61 6.14 2.79
CA ILE B 162 19.51 6.63 1.99
C ILE B 162 18.88 7.86 2.65
N ALA B 163 18.75 7.84 3.98
CA ALA B 163 18.25 9.01 4.68
C ALA B 163 19.17 10.21 4.47
N SER B 164 20.47 10.02 4.66
CA SER B 164 21.40 11.12 4.50
C SER B 164 21.47 11.61 3.06
N LYS B 165 21.23 10.70 2.10
CA LYS B 165 21.27 11.10 0.70
C LYS B 165 20.03 11.89 0.31
N LEU B 166 18.85 11.42 0.73
CA LEU B 166 17.61 12.15 0.45
C LEU B 166 17.63 13.52 1.12
N LEU B 167 18.08 13.57 2.38
CA LEU B 167 18.16 14.85 3.08
C LEU B 167 19.11 15.82 2.41
N ASP B 168 20.11 15.33 1.66
CA ASP B 168 21.04 16.19 0.97
C ASP B 168 20.46 16.79 -0.31
N LYS B 169 19.47 16.14 -0.93
CA LYS B 169 18.72 16.72 -2.05
C LYS B 169 19.62 17.00 -3.26
N ASN B 170 20.59 16.11 -3.48
CA ASN B 170 21.54 16.19 -4.61
C ASN B 170 22.29 17.52 -4.64
N LYS B 171 22.70 17.99 -3.47
CA LYS B 171 23.61 19.13 -3.37
C LYS B 171 25.07 18.73 -3.34
N ASN B 172 25.39 17.46 -3.05
CA ASN B 172 26.75 16.99 -2.90
C ASN B 172 26.91 15.62 -3.53
N MET B 173 28.07 15.40 -4.18
CA MET B 173 28.41 14.07 -4.67
C MET B 173 28.97 13.21 -3.55
N TYR B 174 29.78 13.79 -2.67
CA TYR B 174 30.52 13.08 -1.64
C TYR B 174 29.99 13.46 -0.26
N GLY B 175 30.55 12.81 0.77
CA GLY B 175 30.19 13.05 2.14
C GLY B 175 29.17 12.10 2.72
N PHE B 176 28.94 10.95 2.07
CA PHE B 176 27.93 9.98 2.49
C PHE B 176 28.54 8.67 2.97
N LYS B 177 29.77 8.72 3.47
CA LYS B 177 30.37 7.60 4.18
C LYS B 177 29.97 7.66 5.65
N LEU B 178 30.17 6.54 6.35
CA LEU B 178 29.79 6.45 7.76
C LEU B 178 30.53 7.48 8.60
N ASN B 179 31.82 7.68 8.31
CA ASN B 179 32.60 8.69 9.02
C ASN B 179 32.01 10.08 8.82
N ASN B 180 31.63 10.40 7.58
CA ASN B 180 31.06 11.71 7.28
C ASN B 180 29.73 11.90 7.99
N ILE B 181 28.86 10.88 7.93
CA ILE B 181 27.51 11.01 8.49
C ILE B 181 27.59 11.10 10.01
N VAL B 182 28.45 10.30 10.64
CA VAL B 182 28.57 10.34 12.09
C VAL B 182 29.16 11.68 12.54
N GLU B 183 30.18 12.19 11.84
CA GLU B 183 30.70 13.51 12.19
C GLU B 183 29.68 14.60 11.91
N LYS B 184 28.81 14.40 10.91
CA LYS B 184 27.80 15.40 10.60
C LYS B 184 26.77 15.51 11.71
N TYR B 185 26.11 14.38 12.04
CA TYR B 185 24.99 14.39 12.96
C TYR B 185 25.40 14.18 14.41
N LEU B 186 26.23 13.17 14.68
CA LEU B 186 26.65 12.87 16.04
C LEU B 186 27.88 13.66 16.48
N ASN B 187 28.61 14.29 15.55
CA ASN B 187 29.80 15.08 15.86
C ASN B 187 30.87 14.23 16.54
N VAL B 188 31.17 13.08 15.92
CA VAL B 188 32.18 12.15 16.41
C VAL B 188 32.97 11.64 15.20
N ILE B 189 34.25 11.36 15.43
CA ILE B 189 35.16 10.85 14.41
C ILE B 189 35.51 9.42 14.77
N LEU B 190 35.40 8.52 13.79
CA LEU B 190 35.72 7.11 13.95
C LEU B 190 37.08 6.80 13.34
N ASP B 191 37.72 5.75 13.87
CA ASP B 191 39.04 5.34 13.43
C ASP B 191 38.90 4.64 12.07
N LYS B 192 39.04 5.42 11.00
CA LYS B 192 38.93 4.88 9.65
C LYS B 192 40.20 4.17 9.19
N GLN B 193 41.24 4.09 10.02
CA GLN B 193 42.40 3.26 9.68
C GLN B 193 42.04 1.78 9.75
N GLN B 194 41.07 1.40 10.59
CA GLN B 194 40.68 0.00 10.73
C GLN B 194 39.90 -0.51 9.52
N GLN B 195 39.40 0.38 8.66
CA GLN B 195 38.81 -0.07 7.41
C GLN B 195 39.83 -0.79 6.54
N ASN B 196 41.07 -0.29 6.54
CA ASN B 196 42.15 -0.91 5.78
C ASN B 196 42.88 -2.00 6.56
N SER B 197 42.42 -2.36 7.75
CA SER B 197 43.05 -3.41 8.53
C SER B 197 42.83 -4.77 7.86
N VAL B 198 43.47 -5.79 8.43
CA VAL B 198 43.42 -7.14 7.88
C VAL B 198 42.19 -7.84 8.49
N TRP B 199 41.16 -8.03 7.67
CA TRP B 199 39.94 -8.72 8.07
C TRP B 199 39.88 -10.17 7.60
N ASN B 200 40.82 -10.61 6.76
CA ASN B 200 40.93 -12.02 6.41
C ASN B 200 41.64 -12.83 7.49
N ASN B 201 42.34 -12.18 8.41
CA ASN B 201 43.01 -12.87 9.50
C ASN B 201 42.00 -13.56 10.41
N SER B 202 42.36 -14.75 10.89
CA SER B 202 41.45 -15.50 11.76
C SER B 202 41.41 -14.97 13.18
N LEU B 203 42.37 -14.13 13.57
CA LEU B 203 42.34 -13.35 14.79
C LEU B 203 42.06 -11.89 14.44
N LEU B 204 41.75 -11.08 15.46
CA LEU B 204 41.53 -9.65 15.28
C LEU B 204 42.08 -8.89 16.48
N ASN B 205 42.58 -7.68 16.22
CA ASN B 205 43.13 -6.86 17.29
C ASN B 205 42.01 -6.13 18.03
N ASN B 206 42.37 -5.53 19.17
CA ASN B 206 41.35 -4.88 20.00
C ASN B 206 40.80 -3.63 19.32
N ASN B 207 41.65 -2.88 18.61
CA ASN B 207 41.17 -1.68 17.94
C ASN B 207 40.21 -2.02 16.81
N GLN B 208 40.45 -3.13 16.11
CA GLN B 208 39.53 -3.61 15.08
C GLN B 208 38.13 -3.83 15.63
N LEU B 209 38.04 -4.42 16.81
CA LEU B 209 36.75 -4.83 17.35
C LEU B 209 36.03 -3.66 18.01
N PHE B 210 36.77 -2.78 18.68
CA PHE B 210 36.15 -1.55 19.18
C PHE B 210 35.63 -0.70 18.02
N TYR B 211 36.34 -0.70 16.89
CA TYR B 211 35.82 -0.05 15.69
C TYR B 211 34.55 -0.72 15.21
N ALA B 212 34.54 -2.06 15.17
CA ALA B 212 33.33 -2.77 14.77
C ALA B 212 32.16 -2.41 15.68
N ALA B 213 32.37 -2.51 17.00
CA ALA B 213 31.31 -2.22 17.96
C ALA B 213 30.77 -0.81 17.79
N ARG B 214 31.66 0.19 17.83
CA ARG B 214 31.23 1.58 17.71
C ARG B 214 30.55 1.83 16.38
N ASP B 215 31.08 1.29 15.28
CA ASP B 215 30.49 1.61 13.98
C ASP B 215 29.20 0.81 13.71
N SER B 216 28.72 0.05 14.70
CA SER B 216 27.34 -0.42 14.75
C SER B 216 26.49 0.38 15.73
N SER B 217 27.02 0.69 16.92
CA SER B 217 26.19 1.31 17.95
C SER B 217 25.83 2.74 17.59
N CYS B 218 26.69 3.42 16.83
CA CYS B 218 26.37 4.75 16.33
C CYS B 218 25.12 4.77 15.46
N LEU B 219 24.76 3.63 14.85
CA LEU B 219 23.56 3.58 14.03
C LEU B 219 22.30 3.86 14.85
N LEU B 220 22.32 3.57 16.14
CA LEU B 220 21.14 3.84 16.97
C LEU B 220 20.89 5.35 17.08
N LYS B 221 21.94 6.11 17.36
CA LYS B 221 21.78 7.57 17.50
C LYS B 221 21.51 8.22 16.15
N LEU B 222 22.14 7.71 15.09
CA LEU B 222 21.85 8.23 13.75
C LEU B 222 20.41 7.95 13.36
N TYR B 223 19.90 6.77 13.70
CA TYR B 223 18.50 6.45 13.38
C TYR B 223 17.56 7.40 14.10
N LYS B 224 17.87 7.75 15.34
CA LYS B 224 17.05 8.74 16.05
C LYS B 224 17.02 10.06 15.30
N LYS B 225 18.18 10.71 15.15
CA LYS B 225 18.18 12.07 14.61
C LYS B 225 17.77 12.10 13.15
N LEU B 226 18.13 11.08 12.36
CA LEU B 226 17.74 11.08 10.97
C LEU B 226 16.24 10.84 10.80
N LYS B 227 15.63 10.05 11.70
CA LYS B 227 14.18 9.85 11.61
C LYS B 227 13.42 11.13 11.87
N GLU B 228 13.98 12.04 12.68
CA GLU B 228 13.32 13.34 12.89
C GLU B 228 13.47 14.22 11.67
N GLU B 229 14.68 14.28 11.08
CA GLU B 229 14.91 15.16 9.95
C GLU B 229 14.10 14.72 8.74
N ILE B 230 13.95 13.41 8.54
CA ILE B 230 13.11 12.90 7.48
C ILE B 230 11.67 13.34 7.68
N LYS B 231 11.17 13.27 8.92
CA LYS B 231 9.78 13.68 9.17
C LYS B 231 9.60 15.18 9.00
N LYS B 232 10.57 15.97 9.46
CA LYS B 232 10.43 17.42 9.35
C LYS B 232 10.48 17.90 7.91
N GLU B 233 11.24 17.21 7.05
CA GLU B 233 11.31 17.54 5.64
C GLU B 233 10.26 16.83 4.79
N ASN B 234 9.35 16.05 5.39
CA ASN B 234 8.29 15.35 4.66
C ASN B 234 8.87 14.39 3.62
N LEU B 235 9.90 13.65 4.01
CA LEU B 235 10.54 12.65 3.16
C LEU B 235 10.23 11.22 3.60
N HIS B 236 9.19 11.04 4.42
CA HIS B 236 8.90 9.71 4.95
C HIS B 236 8.48 8.73 3.85
N ILE B 237 7.63 9.17 2.92
CA ILE B 237 7.13 8.29 1.88
C ILE B 237 8.26 7.84 0.96
N VAL B 238 9.05 8.79 0.46
CA VAL B 238 10.16 8.44 -0.43
C VAL B 238 11.22 7.62 0.32
N ASN B 239 11.53 8.01 1.56
CA ASN B 239 12.51 7.25 2.32
C ASN B 239 12.02 5.84 2.60
N ASP B 240 10.71 5.67 2.77
CA ASP B 240 10.15 4.35 3.03
C ASP B 240 10.16 3.49 1.78
N ILE B 241 9.85 4.08 0.62
CA ILE B 241 9.93 3.34 -0.64
C ILE B 241 11.36 2.87 -0.88
N GLU B 242 12.32 3.78 -0.69
CA GLU B 242 13.71 3.47 -1.04
C GLU B 242 14.27 2.37 -0.14
N ASN B 243 14.00 2.44 1.16
CA ASN B 243 14.43 1.39 2.07
C ASN B 243 13.82 0.04 1.68
N LYS B 244 12.54 0.03 1.29
CA LYS B 244 11.95 -1.22 0.83
C LYS B 244 12.49 -1.65 -0.52
N CYS B 245 12.95 -0.70 -1.34
CA CYS B 245 13.48 -1.02 -2.67
C CYS B 245 14.85 -1.69 -2.62
N ILE B 246 15.54 -1.67 -1.46
CA ILE B 246 16.84 -2.32 -1.33
C ILE B 246 16.75 -3.80 -1.73
N LEU B 247 15.75 -4.52 -1.20
CA LEU B 247 15.68 -5.96 -1.43
C LEU B 247 15.46 -6.33 -2.90
N PRO B 248 14.55 -5.70 -3.64
CA PRO B 248 14.50 -6.00 -5.08
C PRO B 248 15.77 -5.64 -5.83
N ILE B 249 16.47 -4.57 -5.43
CA ILE B 249 17.74 -4.25 -6.08
C ILE B 249 18.75 -5.37 -5.82
N CYS B 250 18.83 -5.84 -4.57
CA CYS B 250 19.68 -6.97 -4.25
C CYS B 250 19.27 -8.21 -5.05
N ASP B 251 17.96 -8.38 -5.25
CA ASP B 251 17.49 -9.49 -6.07
C ASP B 251 17.98 -9.38 -7.50
N MET B 252 17.96 -8.16 -8.06
CA MET B 252 18.44 -7.97 -9.43
C MET B 252 19.94 -8.23 -9.51
N GLU B 253 20.71 -7.69 -8.57
CA GLU B 253 22.15 -7.83 -8.65
C GLU B 253 22.59 -9.27 -8.41
N LEU B 254 21.90 -9.98 -7.52
CA LEU B 254 22.29 -11.36 -7.23
C LEU B 254 21.79 -12.33 -8.29
N ASN B 255 20.57 -12.12 -8.79
CA ASN B 255 20.06 -12.97 -9.86
C ASN B 255 20.89 -12.82 -11.13
N GLY B 256 21.23 -11.59 -11.49
CA GLY B 256 21.96 -11.36 -12.72
C GLY B 256 21.11 -11.69 -13.94
N ILE B 257 21.77 -11.66 -15.10
CA ILE B 257 21.12 -11.91 -16.38
C ILE B 257 22.08 -12.71 -17.25
N LYS B 258 21.55 -13.72 -17.94
CA LYS B 258 22.35 -14.75 -18.59
C LYS B 258 22.60 -14.41 -20.06
N VAL B 259 23.80 -14.72 -20.52
CA VAL B 259 24.29 -14.37 -21.84
C VAL B 259 24.43 -15.65 -22.64
N ASP B 260 23.92 -15.64 -23.87
CA ASP B 260 24.10 -16.74 -24.82
C ASP B 260 25.44 -16.51 -25.51
N LEU B 261 26.48 -17.21 -25.03
CA LEU B 261 27.82 -16.99 -25.57
C LEU B 261 27.94 -17.49 -27.00
N GLU B 262 27.17 -18.50 -27.39
CA GLU B 262 27.15 -18.93 -28.78
C GLU B 262 26.66 -17.81 -29.68
N ASN B 263 25.50 -17.24 -29.35
CA ASN B 263 24.97 -16.11 -30.11
C ASN B 263 25.91 -14.90 -30.05
N LEU B 264 26.64 -14.75 -28.94
CA LEU B 264 27.47 -13.56 -28.75
C LEU B 264 28.76 -13.65 -29.57
N GLN B 265 29.49 -14.76 -29.47
CA GLN B 265 30.70 -14.91 -30.29
C GLN B 265 30.36 -15.00 -31.77
N LYS B 266 29.23 -15.64 -32.11
CA LYS B 266 28.73 -15.61 -33.48
C LYS B 266 28.51 -14.16 -33.93
N SER B 267 27.85 -13.36 -33.10
CA SER B 267 27.64 -11.96 -33.42
C SER B 267 28.97 -11.20 -33.53
N THR B 268 29.90 -11.45 -32.59
CA THR B 268 31.15 -10.70 -32.55
C THR B 268 31.98 -10.95 -33.81
N ASN B 269 32.15 -12.22 -34.19
CA ASN B 269 32.89 -12.51 -35.41
C ASN B 269 32.16 -12.00 -36.65
N GLU B 270 30.82 -11.95 -36.61
CA GLU B 270 30.08 -11.39 -37.73
C GLU B 270 30.38 -9.90 -37.90
N ILE B 271 30.33 -9.13 -36.82
CA ILE B 271 30.62 -7.70 -36.93
C ILE B 271 32.09 -7.47 -37.29
N LEU B 272 32.99 -8.36 -36.86
CA LEU B 272 34.39 -8.22 -37.23
C LEU B 272 34.57 -8.44 -38.73
N ASN B 273 33.94 -9.48 -39.28
CA ASN B 273 34.04 -9.72 -40.72
C ASN B 273 33.39 -8.60 -41.52
N GLU B 274 32.26 -8.07 -41.02
CA GLU B 274 31.62 -6.93 -41.67
C GLU B 274 32.56 -5.73 -41.70
N LEU B 275 33.21 -5.44 -40.57
CA LEU B 275 34.09 -4.27 -40.50
C LEU B 275 35.35 -4.46 -41.32
N ASN B 276 35.84 -5.70 -41.44
CA ASN B 276 37.00 -5.95 -42.29
C ASN B 276 36.65 -5.79 -43.77
N ILE B 277 35.41 -6.16 -44.15
CA ILE B 277 34.94 -5.86 -45.51
C ILE B 277 34.93 -4.35 -45.72
N GLU B 278 34.48 -3.60 -44.71
CA GLU B 278 34.56 -2.15 -44.79
C GLU B 278 36.00 -1.67 -44.82
N LYS B 279 36.93 -2.44 -44.25
CA LYS B 279 38.35 -2.12 -44.40
C LYS B 279 38.79 -2.27 -45.85
N ASP B 280 38.22 -3.24 -46.57
CA ASP B 280 38.55 -3.40 -47.99
C ASP B 280 38.04 -2.22 -48.80
N ASN B 281 36.75 -1.88 -48.65
CA ASN B 281 36.18 -0.78 -49.43
C ASN B 281 36.80 0.56 -49.02
N LEU B 282 36.75 0.89 -47.74
CA LEU B 282 37.28 2.15 -47.24
C LEU B 282 38.81 2.17 -47.38
N ILE B 334 29.85 7.79 -46.53
CA ILE B 334 29.00 6.63 -46.28
C ILE B 334 29.86 5.53 -45.66
N SER B 335 31.05 5.34 -46.23
CA SER B 335 31.98 4.37 -45.68
C SER B 335 32.41 4.73 -44.26
N LEU B 336 32.53 6.03 -43.97
CA LEU B 336 32.81 6.46 -42.60
C LEU B 336 31.65 6.13 -41.67
N ARG B 337 30.42 6.30 -42.15
CA ARG B 337 29.25 5.99 -41.33
C ARG B 337 29.19 4.50 -40.98
N ASN B 338 29.34 3.66 -42.00
CA ASN B 338 29.33 2.22 -41.77
C ASN B 338 30.50 1.79 -40.89
N TYR B 339 31.70 2.29 -41.20
CA TYR B 339 32.88 1.97 -40.40
C TYR B 339 32.71 2.46 -38.96
N ARG B 340 32.08 3.62 -38.78
CA ARG B 340 31.92 4.17 -37.43
C ARG B 340 31.03 3.28 -36.59
N ARG B 341 29.78 3.05 -37.03
CA ARG B 341 28.85 2.29 -36.20
C ARG B 341 29.30 0.85 -36.00
N LEU B 342 29.90 0.24 -37.04
CA LEU B 342 30.42 -1.11 -36.87
C LEU B 342 31.60 -1.11 -35.89
N TYR B 343 32.43 -0.07 -35.91
CA TYR B 343 33.57 -0.01 -34.99
C TYR B 343 33.11 0.25 -33.56
N LYS B 344 32.04 1.04 -33.38
CA LYS B 344 31.57 1.31 -32.02
C LYS B 344 30.89 0.10 -31.40
N LEU B 345 30.09 -0.61 -32.20
CA LEU B 345 29.55 -1.89 -31.74
C LEU B 345 30.69 -2.84 -31.38
N TYR B 346 31.56 -3.14 -32.35
CA TYR B 346 32.69 -4.01 -32.04
C TYR B 346 33.40 -3.53 -30.78
N SER B 347 33.94 -2.32 -30.81
CA SER B 347 34.84 -1.86 -29.76
C SER B 347 34.10 -1.53 -28.47
N ALA B 348 33.13 -0.61 -28.53
CA ALA B 348 32.51 -0.16 -27.29
C ALA B 348 31.66 -1.24 -26.65
N PHE B 349 30.94 -2.03 -27.46
CA PHE B 349 30.09 -3.10 -26.92
C PHE B 349 30.83 -4.44 -26.85
N TYR B 350 31.10 -5.05 -28.02
CA TYR B 350 31.45 -6.47 -28.06
C TYR B 350 32.77 -6.77 -27.37
N LEU B 351 33.72 -5.84 -27.41
CA LEU B 351 34.99 -6.07 -26.70
C LEU B 351 34.82 -5.96 -25.20
N LYS B 352 33.91 -5.10 -24.73
CA LYS B 352 33.81 -4.79 -23.31
C LYS B 352 32.94 -5.77 -22.54
N LEU B 353 31.83 -6.21 -23.14
CA LEU B 353 30.89 -7.07 -22.41
C LEU B 353 31.49 -8.37 -21.86
N PRO B 354 32.35 -9.11 -22.57
CA PRO B 354 32.91 -10.34 -21.97
C PRO B 354 33.73 -10.12 -20.71
N LEU B 355 34.13 -8.87 -20.41
CA LEU B 355 34.83 -8.59 -19.16
C LEU B 355 33.94 -8.87 -17.94
N HIS B 356 32.62 -8.73 -18.10
CA HIS B 356 31.68 -8.76 -16.97
C HIS B 356 30.86 -10.05 -16.88
N ILE B 357 31.13 -11.05 -17.72
CA ILE B 357 30.39 -12.31 -17.69
C ILE B 357 31.07 -13.23 -16.68
N ASN B 358 30.26 -13.90 -15.86
CA ASN B 358 30.80 -14.84 -14.89
C ASN B 358 31.33 -16.06 -15.62
N THR B 359 32.60 -16.40 -15.34
CA THR B 359 33.31 -17.40 -16.14
C THR B 359 32.63 -18.76 -16.11
N LYS B 360 32.07 -19.14 -14.95
CA LYS B 360 31.39 -20.42 -14.81
C LYS B 360 29.90 -20.32 -15.09
N THR B 361 29.26 -19.21 -14.68
CA THR B 361 27.81 -19.13 -14.65
C THR B 361 27.20 -18.52 -15.91
N ASN B 362 28.01 -17.83 -16.72
CA ASN B 362 27.54 -17.19 -17.95
C ASN B 362 26.47 -16.13 -17.68
N LYS B 363 26.54 -15.50 -16.50
CA LYS B 363 25.63 -14.45 -16.08
C LYS B 363 26.41 -13.19 -15.75
N ILE B 364 25.85 -12.04 -16.11
CA ILE B 364 26.40 -10.73 -15.75
C ILE B 364 25.65 -10.22 -14.52
N HIS B 365 26.39 -9.68 -13.56
CA HIS B 365 25.84 -9.13 -12.33
C HIS B 365 26.19 -7.64 -12.29
N THR B 366 25.30 -6.82 -12.81
CA THR B 366 25.52 -5.38 -12.84
C THR B 366 25.37 -4.78 -11.45
N THR B 367 25.85 -3.53 -11.32
CA THR B 367 25.73 -2.75 -10.09
C THR B 367 24.63 -1.71 -10.32
N PHE B 368 23.51 -1.86 -9.62
CA PHE B 368 22.41 -0.90 -9.69
C PHE B 368 22.58 0.17 -8.61
N ASN B 369 22.55 1.43 -9.03
CA ASN B 369 22.68 2.58 -8.15
C ASN B 369 21.30 3.18 -7.91
N GLN B 370 21.02 3.51 -6.64
CA GLN B 370 19.70 3.90 -6.19
C GLN B 370 19.50 5.40 -6.19
N LEU B 371 20.49 6.16 -5.71
CA LEU B 371 20.37 7.60 -5.50
C LEU B 371 21.63 8.33 -5.94
N LYS B 372 22.15 7.94 -7.12
CA LYS B 372 23.31 8.59 -7.73
C LYS B 372 22.95 9.34 -9.01
N THR B 373 21.68 9.75 -9.16
CA THR B 373 21.23 10.50 -10.32
C THR B 373 20.45 11.72 -9.86
N PHE B 374 20.43 12.74 -10.72
CA PHE B 374 19.68 13.95 -10.42
C PHE B 374 18.18 13.66 -10.35
N SER B 375 17.68 12.91 -11.33
CA SER B 375 16.24 12.66 -11.42
C SER B 375 15.74 11.75 -10.31
N GLY B 376 16.59 10.87 -9.79
CA GLY B 376 16.18 9.80 -8.89
C GLY B 376 15.94 8.47 -9.56
N ARG B 377 16.03 8.40 -10.89
CA ARG B 377 15.93 7.12 -11.57
C ARG B 377 17.11 6.22 -11.19
N PHE B 378 16.94 4.93 -11.42
CA PHE B 378 18.05 4.00 -11.26
C PHE B 378 19.18 4.36 -12.22
N SER B 379 20.37 3.88 -11.89
CA SER B 379 21.49 3.87 -12.83
C SER B 379 22.19 2.53 -12.68
N SER B 380 22.91 2.13 -13.72
CA SER B 380 23.64 0.88 -13.74
C SER B 380 25.09 1.14 -14.14
N GLU B 381 25.99 0.33 -13.60
CA GLU B 381 27.40 0.41 -13.96
C GLU B 381 28.04 -0.96 -13.85
N LYS B 382 29.10 -1.15 -14.65
CA LYS B 382 29.84 -2.41 -14.72
C LYS B 382 28.92 -3.59 -15.00
N PRO B 383 28.21 -3.61 -16.14
CA PRO B 383 28.08 -2.58 -17.20
C PRO B 383 26.90 -1.64 -16.98
N ASN B 384 26.83 -0.57 -17.77
CA ASN B 384 25.70 0.37 -17.74
C ASN B 384 24.68 -0.12 -18.75
N LEU B 385 23.60 -0.73 -18.24
CA LEU B 385 22.66 -1.46 -19.08
C LEU B 385 21.95 -0.57 -20.09
N GLN B 386 21.82 0.72 -19.82
CA GLN B 386 21.19 1.62 -20.77
C GLN B 386 22.09 2.00 -21.93
N GLN B 387 23.39 1.69 -21.87
CA GLN B 387 24.30 1.91 -22.98
C GLN B 387 24.38 0.72 -23.93
N ILE B 388 23.69 -0.38 -23.65
CA ILE B 388 23.60 -1.49 -24.60
C ILE B 388 22.80 -1.02 -25.81
N PRO B 389 23.14 -1.41 -27.05
CA PRO B 389 22.29 -1.02 -28.19
C PRO B 389 20.91 -1.67 -28.11
N ARG B 390 19.91 -0.92 -28.57
CA ARG B 390 18.52 -1.33 -28.46
C ARG B 390 18.03 -2.14 -29.66
N GLN B 391 18.93 -2.73 -30.44
CA GLN B 391 18.54 -3.52 -31.60
C GLN B 391 18.34 -4.97 -31.20
N LYS B 392 17.49 -5.67 -31.95
CA LYS B 392 17.18 -7.06 -31.61
C LYS B 392 18.38 -7.97 -31.83
N ASN B 393 19.22 -7.66 -32.83
CA ASN B 393 20.38 -8.50 -33.15
C ASN B 393 21.33 -8.62 -31.97
N ILE B 394 21.47 -7.58 -31.17
CA ILE B 394 22.35 -7.57 -30.01
C ILE B 394 21.64 -8.10 -28.77
N ARG B 395 20.45 -7.56 -28.48
CA ARG B 395 19.72 -7.91 -27.27
C ARG B 395 19.33 -9.39 -27.21
N GLU B 396 19.31 -10.07 -28.37
CA GLU B 396 19.02 -11.51 -28.39
C GLU B 396 19.98 -12.31 -27.53
N ILE B 397 21.19 -11.80 -27.27
CA ILE B 397 22.14 -12.59 -26.47
C ILE B 397 21.66 -12.73 -25.03
N PHE B 398 20.89 -11.76 -24.53
CA PHE B 398 20.41 -11.81 -23.15
C PHE B 398 19.14 -12.66 -23.11
N ILE B 399 19.23 -13.81 -22.42
CA ILE B 399 18.23 -14.87 -22.50
C ILE B 399 17.92 -15.38 -21.10
N PRO B 400 16.77 -16.05 -20.92
CA PRO B 400 16.46 -16.61 -19.60
C PRO B 400 17.17 -17.94 -19.37
N ASN B 401 17.09 -18.40 -18.13
CA ASN B 401 17.69 -19.67 -17.75
C ASN B 401 16.80 -20.83 -18.16
N ASP B 402 17.33 -22.05 -18.01
CA ASP B 402 16.62 -23.24 -18.44
C ASP B 402 15.32 -23.41 -17.66
N ASN B 403 14.25 -23.74 -18.39
CA ASN B 403 12.88 -23.88 -17.90
C ASN B 403 12.27 -22.55 -17.48
N ASN B 404 12.93 -21.42 -17.75
CA ASN B 404 12.48 -20.10 -17.33
C ASN B 404 12.27 -19.21 -18.55
N ILE B 405 11.57 -18.11 -18.32
CA ILE B 405 11.13 -17.21 -19.39
C ILE B 405 11.11 -15.79 -18.84
N PHE B 406 11.51 -14.83 -19.68
CA PHE B 406 11.41 -13.43 -19.33
C PHE B 406 10.00 -12.91 -19.58
N ILE B 407 9.58 -11.96 -18.74
CA ILE B 407 8.38 -11.16 -18.95
C ILE B 407 8.81 -9.72 -18.83
N ILE B 408 8.61 -8.95 -19.89
CA ILE B 408 9.03 -7.56 -19.97
C ILE B 408 7.78 -6.68 -20.03
N ALA B 409 7.76 -5.62 -19.22
CA ALA B 409 6.62 -4.70 -19.16
C ALA B 409 7.15 -3.28 -19.25
N ASP B 410 6.50 -2.46 -20.09
CA ASP B 410 6.86 -1.06 -20.28
C ASP B 410 5.66 -0.19 -19.96
N PHE B 411 5.88 0.89 -19.21
CA PHE B 411 4.90 1.96 -19.20
C PHE B 411 4.90 2.64 -20.56
N LYS B 412 3.78 3.32 -20.87
CA LYS B 412 3.60 4.01 -22.14
C LYS B 412 3.07 5.42 -21.89
N GLN B 413 3.84 6.42 -22.33
CA GLN B 413 3.48 7.83 -22.16
C GLN B 413 3.27 8.20 -20.69
N ILE B 414 3.98 7.54 -19.78
CA ILE B 414 3.81 7.84 -18.36
C ILE B 414 4.33 9.24 -18.05
N GLU B 415 5.40 9.68 -18.73
CA GLU B 415 5.89 11.04 -18.54
C GLU B 415 4.83 12.07 -18.91
N LEU B 416 4.19 11.89 -20.07
CA LEU B 416 3.17 12.83 -20.49
C LEU B 416 1.95 12.77 -19.57
N MET B 417 1.56 11.56 -19.16
CA MET B 417 0.44 11.42 -18.22
C MET B 417 0.78 12.10 -16.89
N ILE B 418 2.02 11.95 -16.42
CA ILE B 418 2.43 12.62 -15.18
C ILE B 418 2.34 14.13 -15.35
N ALA B 419 2.78 14.64 -16.51
CA ALA B 419 2.70 16.07 -16.77
C ALA B 419 1.25 16.55 -16.72
N ALA B 420 0.34 15.78 -17.34
CA ALA B 420 -1.07 16.14 -17.30
C ALA B 420 -1.61 16.12 -15.88
N GLU B 421 -1.19 15.13 -15.07
CA GLU B 421 -1.58 15.08 -13.67
C GLU B 421 -1.14 16.34 -12.93
N ILE B 422 0.18 16.56 -12.84
CA ILE B 422 0.70 17.60 -11.96
C ILE B 422 0.25 18.99 -12.39
N THR B 423 0.00 19.18 -13.68
CA THR B 423 -0.49 20.45 -14.19
C THR B 423 -2.00 20.58 -14.19
N ASN B 424 -2.74 19.46 -14.11
CA ASN B 424 -4.19 19.46 -14.17
C ASN B 424 -4.70 20.09 -15.47
N ASP B 425 -4.18 19.61 -16.60
CA ASP B 425 -4.64 20.07 -17.90
C ASP B 425 -5.90 19.30 -18.26
N GLU B 426 -7.03 20.02 -18.35
CA GLU B 426 -8.33 19.37 -18.52
C GLU B 426 -8.39 18.57 -19.81
N ILE B 427 -7.95 19.18 -20.93
CA ILE B 427 -8.07 18.52 -22.22
C ILE B 427 -7.26 17.23 -22.25
N MET B 428 -6.06 17.25 -21.66
CA MET B 428 -5.23 16.05 -21.67
C MET B 428 -5.79 14.99 -20.73
N LEU B 429 -6.27 15.38 -19.56
CA LEU B 429 -6.81 14.39 -18.62
C LEU B 429 -8.11 13.79 -19.14
N LYS B 430 -9.00 14.62 -19.70
CA LYS B 430 -10.21 14.09 -20.31
CA LYS B 430 -10.21 14.09 -20.31
C LYS B 430 -9.88 13.16 -21.49
N ALA B 431 -8.94 13.57 -22.33
CA ALA B 431 -8.60 12.77 -23.50
C ALA B 431 -7.98 11.44 -23.09
N TYR B 432 -7.10 11.45 -22.09
CA TYR B 432 -6.56 10.19 -21.58
C TYR B 432 -7.66 9.34 -20.98
N ASN B 433 -8.61 9.97 -20.28
CA ASN B 433 -9.73 9.22 -19.70
C ASN B 433 -10.57 8.56 -20.79
N ASN B 434 -10.78 9.25 -21.91
CA ASN B 434 -11.45 8.67 -23.07
C ASN B 434 -10.53 7.82 -23.93
N ASN B 435 -9.25 7.67 -23.56
CA ASN B 435 -8.30 6.85 -24.32
C ASN B 435 -8.14 7.37 -25.75
N ILE B 436 -7.91 8.68 -25.85
CA ILE B 436 -7.44 9.33 -27.08
C ILE B 436 -5.97 9.61 -26.89
N ASP B 437 -5.15 9.11 -27.81
CA ASP B 437 -3.71 9.32 -27.75
C ASP B 437 -3.37 10.81 -27.79
N LEU B 438 -2.35 11.20 -27.03
CA LEU B 438 -2.02 12.62 -26.91
C LEU B 438 -1.51 13.19 -28.24
N HIS B 439 -0.85 12.37 -29.06
CA HIS B 439 -0.37 12.87 -30.34
C HIS B 439 -1.53 13.04 -31.32
N THR B 440 -2.50 12.13 -31.29
CA THR B 440 -3.74 12.34 -32.02
C THR B 440 -4.47 13.57 -31.51
N LEU B 441 -4.47 13.78 -30.19
CA LEU B 441 -5.14 14.93 -29.59
C LEU B 441 -4.52 16.23 -30.09
N THR B 442 -3.20 16.34 -29.99
CA THR B 442 -2.52 17.52 -30.49
C THR B 442 -2.65 17.64 -32.00
N ALA B 443 -2.75 16.50 -32.71
CA ALA B 443 -2.98 16.54 -34.15
C ALA B 443 -4.33 17.16 -34.47
N SER B 444 -5.36 16.82 -33.69
CA SER B 444 -6.68 17.41 -33.92
C SER B 444 -6.71 18.88 -33.52
N ILE B 445 -5.96 19.26 -32.48
CA ILE B 445 -5.91 20.66 -32.10
C ILE B 445 -5.14 21.48 -33.13
N ILE B 446 -4.00 20.95 -33.60
CA ILE B 446 -3.16 21.69 -34.54
C ILE B 446 -3.85 21.76 -35.91
N THR B 447 -4.17 20.60 -36.49
CA THR B 447 -4.79 20.58 -37.81
C THR B 447 -6.23 21.07 -37.79
N LYS B 448 -6.88 21.11 -36.63
CA LYS B 448 -8.31 21.40 -36.49
C LYS B 448 -9.20 20.38 -37.20
N LYS B 449 -8.66 19.21 -37.53
CA LYS B 449 -9.42 18.16 -38.20
C LYS B 449 -10.01 17.19 -37.19
N ASN B 450 -10.95 16.37 -37.65
CA ASN B 450 -11.52 15.33 -36.84
C ASN B 450 -10.63 14.10 -36.85
N ILE B 451 -10.80 13.26 -35.82
CA ILE B 451 -9.96 12.07 -35.68
C ILE B 451 -10.09 11.13 -36.87
N PRO B 452 -11.27 10.89 -37.45
CA PRO B 452 -11.31 10.06 -38.67
C PRO B 452 -10.51 10.62 -39.85
N ASP B 453 -10.29 11.94 -39.91
CA ASP B 453 -9.51 12.54 -40.98
C ASP B 453 -8.01 12.63 -40.69
N ILE B 454 -7.60 12.47 -39.43
CA ILE B 454 -6.18 12.60 -39.11
C ILE B 454 -5.40 11.43 -39.69
N ASN B 455 -4.26 11.73 -40.32
CA ASN B 455 -3.36 10.75 -40.92
C ASN B 455 -2.05 10.69 -40.14
N LYS B 456 -1.22 9.69 -40.51
CA LYS B 456 -0.03 9.38 -39.71
C LYS B 456 0.96 10.53 -39.68
N GLU B 457 1.08 11.29 -40.77
CA GLU B 457 2.02 12.40 -40.77
C GLU B 457 1.57 13.52 -39.85
N ASP B 458 0.25 13.70 -39.68
CA ASP B 458 -0.23 14.67 -38.69
C ASP B 458 0.17 14.24 -37.29
N ARG B 459 0.03 12.95 -36.98
CA ARG B 459 0.43 12.45 -35.67
C ARG B 459 1.94 12.53 -35.47
N HIS B 460 2.72 12.50 -36.57
CA HIS B 460 4.17 12.64 -36.45
C HIS B 460 4.57 14.07 -36.11
N ILE B 461 3.99 15.04 -36.82
CA ILE B 461 4.18 16.45 -36.48
C ILE B 461 3.70 16.71 -35.06
N ALA B 462 2.62 16.04 -34.65
CA ALA B 462 2.10 16.22 -33.30
C ALA B 462 3.07 15.66 -32.25
N LYS B 463 3.74 14.55 -32.56
CA LYS B 463 4.76 14.02 -31.65
C LYS B 463 5.87 15.03 -31.42
N ALA B 464 6.38 15.64 -32.49
CA ALA B 464 7.41 16.66 -32.33
C ALA B 464 6.89 17.86 -31.54
N ILE B 465 5.65 18.27 -31.80
CA ILE B 465 5.09 19.42 -31.09
C ILE B 465 4.95 19.11 -29.61
N ASN B 466 4.44 17.92 -29.28
CA ASN B 466 4.18 17.57 -27.89
C ASN B 466 5.48 17.45 -27.10
N PHE B 467 6.38 16.57 -27.54
CA PHE B 467 7.64 16.39 -26.82
C PHE B 467 8.47 17.66 -26.80
N GLY B 468 8.39 18.47 -27.86
CA GLY B 468 9.14 19.71 -27.88
C GLY B 468 8.57 20.74 -26.91
N LEU B 469 7.28 21.05 -27.04
CA LEU B 469 6.69 22.15 -26.30
C LEU B 469 6.33 21.81 -24.86
N ILE B 470 6.23 20.52 -24.51
CA ILE B 470 5.93 20.15 -23.12
C ILE B 470 7.07 20.57 -22.21
N TYR B 471 8.31 20.40 -22.66
CA TYR B 471 9.51 20.61 -21.85
C TYR B 471 10.17 21.95 -22.10
N GLY B 472 9.44 22.92 -22.66
CA GLY B 472 9.85 24.31 -22.60
C GLY B 472 10.45 24.92 -23.85
N MET B 473 10.47 24.21 -24.97
CA MET B 473 11.06 24.76 -26.18
C MET B 473 10.21 25.90 -26.72
N ASN B 474 10.88 26.99 -27.11
CA ASN B 474 10.23 28.04 -27.90
C ASN B 474 10.11 27.57 -29.35
N TYR B 475 9.51 28.41 -30.19
CA TYR B 475 9.16 27.95 -31.54
C TYR B 475 10.39 27.80 -32.43
N VAL B 476 11.44 28.59 -32.19
CA VAL B 476 12.67 28.43 -32.96
C VAL B 476 13.30 27.07 -32.68
N ASN B 477 13.47 26.75 -31.40
CA ASN B 477 14.05 25.46 -31.03
C ASN B 477 13.12 24.31 -31.41
N LEU B 478 11.81 24.57 -31.49
CA LEU B 478 10.90 23.55 -32.00
C LEU B 478 11.19 23.25 -33.47
N LYS B 479 11.45 24.29 -34.26
CA LYS B 479 11.78 24.09 -35.67
C LYS B 479 13.02 23.24 -35.83
N ASN B 480 14.10 23.60 -35.12
CA ASN B 480 15.34 22.83 -35.22
C ASN B 480 15.16 21.42 -34.66
N TYR B 481 14.36 21.29 -33.60
CA TYR B 481 14.08 19.98 -33.02
C TYR B 481 13.35 19.08 -34.02
N ALA B 482 12.33 19.64 -34.69
CA ALA B 482 11.56 18.88 -35.66
C ALA B 482 12.43 18.42 -36.83
N ASN B 483 13.18 19.35 -37.42
CA ASN B 483 13.99 19.02 -38.59
C ASN B 483 15.12 18.07 -38.23
N THR B 484 15.71 18.24 -37.05
CA THR B 484 16.80 17.37 -36.62
C THR B 484 16.30 15.94 -36.41
N TYR B 485 15.42 15.75 -35.42
CA TYR B 485 15.11 14.40 -34.95
C TYR B 485 13.96 13.75 -35.70
N TYR B 486 12.94 14.51 -36.11
CA TYR B 486 11.75 13.95 -36.72
C TYR B 486 11.73 14.09 -38.24
N GLY B 487 12.66 14.82 -38.83
CA GLY B 487 12.79 14.85 -40.27
C GLY B 487 11.79 15.69 -41.01
N LEU B 488 11.10 16.61 -40.33
CA LEU B 488 10.21 17.54 -40.99
C LEU B 488 11.03 18.70 -41.56
N ASN B 489 10.34 19.66 -42.16
CA ASN B 489 10.95 20.89 -42.67
C ASN B 489 10.02 22.06 -42.38
N MET B 490 9.66 22.20 -41.11
CA MET B 490 8.68 23.20 -40.69
C MET B 490 9.32 24.59 -40.68
N SER B 491 8.51 25.59 -41.01
CA SER B 491 8.93 26.98 -41.01
C SER B 491 8.70 27.60 -39.64
N LEU B 492 9.32 28.77 -39.42
CA LEU B 492 9.12 29.48 -38.17
C LEU B 492 7.69 29.99 -38.03
N ASP B 493 7.03 30.30 -39.14
CA ASP B 493 5.62 30.66 -39.09
C ASP B 493 4.78 29.50 -38.61
N GLN B 494 5.05 28.30 -39.13
CA GLN B 494 4.32 27.10 -38.70
C GLN B 494 4.58 26.80 -37.23
N CYS B 495 5.84 26.87 -36.81
CA CYS B 495 6.16 26.57 -35.42
C CYS B 495 5.60 27.62 -34.47
N LEU B 496 5.50 28.88 -34.91
CA LEU B 496 4.85 29.88 -34.06
C LEU B 496 3.36 29.61 -33.94
N TYR B 497 2.73 29.17 -35.03
CA TYR B 497 1.33 28.75 -34.95
C TYR B 497 1.17 27.54 -34.04
N PHE B 498 2.11 26.59 -34.13
CA PHE B 498 2.09 25.44 -33.24
C PHE B 498 2.21 25.86 -31.78
N TYR B 499 3.12 26.80 -31.49
CA TYR B 499 3.34 27.24 -30.11
C TYR B 499 2.07 27.87 -29.54
N ASN B 500 1.53 28.89 -30.22
CA ASN B 500 0.37 29.60 -29.70
C ASN B 500 -0.85 28.69 -29.64
N SER B 501 -1.04 27.83 -30.65
CA SER B 501 -2.17 26.90 -30.63
C SER B 501 -2.05 25.93 -29.46
N PHE B 502 -0.85 25.39 -29.24
CA PHE B 502 -0.60 24.45 -28.16
C PHE B 502 -0.98 25.05 -26.81
N PHE B 503 -0.34 26.15 -26.43
CA PHE B 503 -0.60 26.72 -25.11
C PHE B 503 -1.93 27.46 -25.03
N GLU B 504 -2.53 27.79 -26.17
CA GLU B 504 -3.91 28.26 -26.16
C GLU B 504 -4.85 27.20 -25.60
N HIS B 505 -4.66 25.94 -26.02
CA HIS B 505 -5.54 24.87 -25.58
C HIS B 505 -5.10 24.21 -24.28
N TYR B 506 -3.81 23.86 -24.18
CA TYR B 506 -3.28 23.19 -22.99
C TYR B 506 -2.96 24.25 -21.94
N LYS B 507 -4.01 24.74 -21.29
CA LYS B 507 -3.89 25.84 -20.33
C LYS B 507 -3.24 25.40 -19.03
N GLY B 508 -3.31 24.11 -18.68
CA GLY B 508 -2.61 23.64 -17.51
C GLY B 508 -1.10 23.66 -17.70
N ILE B 509 -0.63 23.20 -18.87
CA ILE B 509 0.79 23.26 -19.19
C ILE B 509 1.26 24.70 -19.25
N TYR B 510 0.42 25.59 -19.78
CA TYR B 510 0.78 27.01 -19.86
C TYR B 510 0.95 27.60 -18.47
N LYS B 511 0.02 27.32 -17.55
CA LYS B 511 0.14 27.82 -16.19
C LYS B 511 1.39 27.26 -15.51
N TRP B 512 1.69 25.99 -15.76
CA TRP B 512 2.89 25.37 -15.20
C TRP B 512 4.15 26.10 -15.68
N HIS B 513 4.25 26.33 -16.99
CA HIS B 513 5.44 26.95 -17.54
C HIS B 513 5.62 28.39 -17.05
N ASN B 514 4.53 29.16 -17.02
CA ASN B 514 4.63 30.55 -16.57
C ASN B 514 4.99 30.61 -15.10
N GLN B 515 4.37 29.76 -14.27
CA GLN B 515 4.65 29.77 -12.84
C GLN B 515 6.10 29.43 -12.55
N VAL B 516 6.65 28.44 -13.27
CA VAL B 516 8.06 28.10 -13.09
C VAL B 516 8.96 29.27 -13.51
N LYS B 517 8.63 29.91 -14.65
CA LYS B 517 9.49 30.99 -15.14
C LYS B 517 9.48 32.19 -14.22
N GLN B 518 8.31 32.58 -13.70
CA GLN B 518 8.27 33.77 -12.84
C GLN B 518 8.89 33.49 -11.49
N LYS B 519 8.71 32.28 -10.95
CA LYS B 519 9.25 32.00 -9.63
C LYS B 519 10.77 31.88 -9.66
N ARG B 520 11.32 31.21 -10.68
CA ARG B 520 12.75 30.92 -10.76
C ARG B 520 13.25 30.18 -9.53
N ALA B 521 12.44 29.24 -9.05
CA ALA B 521 12.80 28.51 -7.84
C ALA B 521 13.98 27.58 -8.09
N LEU B 522 14.67 27.23 -7.00
CA LEU B 522 15.71 26.21 -6.98
C LEU B 522 15.27 24.92 -6.32
N GLN B 523 14.24 24.94 -5.48
CA GLN B 523 13.73 23.76 -4.79
C GLN B 523 12.60 23.15 -5.59
N TYR B 524 12.66 21.84 -5.81
CA TYR B 524 11.65 21.14 -6.59
C TYR B 524 11.42 19.77 -5.97
N SER B 525 10.22 19.22 -6.21
CA SER B 525 9.80 17.98 -5.57
C SER B 525 8.94 17.16 -6.52
N THR B 526 8.89 15.86 -6.25
CA THR B 526 8.11 14.88 -7.00
C THR B 526 6.82 14.60 -6.23
N LEU B 527 6.04 13.62 -6.71
CA LEU B 527 4.80 13.24 -6.03
C LEU B 527 5.05 12.38 -4.81
N SER B 528 6.22 11.77 -4.67
CA SER B 528 6.66 11.18 -3.41
C SER B 528 7.32 12.19 -2.49
N ASN B 529 7.37 13.47 -2.88
CA ASN B 529 8.09 14.53 -2.16
C ASN B 529 9.59 14.27 -2.10
N ARG B 530 10.13 13.49 -3.04
CA ARG B 530 11.56 13.48 -3.30
C ARG B 530 12.00 14.88 -3.69
N LYS B 531 12.84 15.51 -2.86
CA LYS B 531 13.23 16.89 -3.06
C LYS B 531 14.60 17.01 -3.70
N VAL B 532 14.80 18.12 -4.41
CA VAL B 532 16.08 18.47 -5.03
C VAL B 532 16.27 19.96 -4.89
N ILE B 533 17.53 20.39 -4.76
CA ILE B 533 17.89 21.80 -4.76
C ILE B 533 18.88 22.03 -5.90
N PHE B 534 18.53 22.95 -6.80
CA PHE B 534 19.32 23.24 -7.98
C PHE B 534 20.49 24.16 -7.60
N PRO B 535 21.63 24.08 -8.30
CA PRO B 535 22.66 25.11 -8.08
C PRO B 535 22.29 26.45 -8.70
N TYR B 536 21.58 26.43 -9.83
CA TYR B 536 21.10 27.64 -10.48
C TYR B 536 19.87 27.27 -11.28
N PHE B 537 19.00 28.25 -11.52
CA PHE B 537 17.73 27.97 -12.16
C PHE B 537 17.93 27.59 -13.63
N SER B 538 17.28 26.50 -14.03
CA SER B 538 17.22 26.07 -15.42
C SER B 538 15.77 25.68 -15.71
N PHE B 539 15.17 26.35 -16.70
CA PHE B 539 13.74 26.18 -16.97
C PHE B 539 13.42 24.75 -17.36
N THR B 540 14.18 24.20 -18.30
CA THR B 540 13.88 22.84 -18.79
C THR B 540 14.11 21.80 -17.70
N LYS B 541 15.19 21.95 -16.92
CA LYS B 541 15.43 21.01 -15.84
C LYS B 541 14.35 21.12 -14.76
N ALA B 542 13.86 22.33 -14.51
CA ALA B 542 12.75 22.52 -13.58
C ALA B 542 11.50 21.81 -14.05
N LEU B 543 11.20 21.88 -15.35
CA LEU B 543 10.04 21.16 -15.86
C LEU B 543 10.25 19.66 -15.81
N ASN B 544 11.48 19.20 -16.05
CA ASN B 544 11.72 17.76 -16.18
C ASN B 544 11.75 17.05 -14.83
N TYR B 545 12.13 17.73 -13.75
CA TYR B 545 12.35 17.01 -12.49
C TYR B 545 11.08 16.39 -11.93
N PRO B 546 9.93 17.10 -11.82
CA PRO B 546 8.73 16.42 -11.28
C PRO B 546 8.30 15.22 -12.11
N VAL B 547 8.43 15.32 -13.44
CA VAL B 547 8.03 14.22 -14.32
C VAL B 547 8.95 13.02 -14.13
N GLN B 548 10.24 13.20 -14.43
CA GLN B 548 11.18 12.08 -14.38
C GLN B 548 11.31 11.53 -12.97
N GLY B 549 11.29 12.41 -11.96
CA GLY B 549 11.38 11.96 -10.59
C GLY B 549 10.17 11.15 -10.15
N THR B 550 8.99 11.52 -10.64
CA THR B 550 7.80 10.72 -10.37
C THR B 550 7.87 9.36 -11.07
N CYS B 551 8.50 9.30 -12.25
CA CYS B 551 8.71 8.00 -12.88
C CYS B 551 9.61 7.11 -12.02
N ALA B 552 10.67 7.70 -11.45
CA ALA B 552 11.52 6.95 -10.54
C ALA B 552 10.72 6.47 -9.32
N ASP B 553 9.84 7.33 -8.80
CA ASP B 553 8.98 6.91 -7.68
C ASP B 553 8.09 5.74 -8.07
N ILE B 554 7.48 5.81 -9.27
CA ILE B 554 6.56 4.77 -9.69
C ILE B 554 7.29 3.45 -9.92
N LEU B 555 8.43 3.52 -10.63
CA LEU B 555 9.18 2.29 -10.91
C LEU B 555 9.70 1.66 -9.64
N LYS B 556 10.20 2.48 -8.71
CA LYS B 556 10.74 1.95 -7.47
C LYS B 556 9.66 1.29 -6.63
N LEU B 557 8.51 1.96 -6.45
CA LEU B 557 7.42 1.37 -5.70
C LEU B 557 6.88 0.14 -6.42
N ALA B 558 6.88 0.15 -7.75
CA ALA B 558 6.48 -1.01 -8.51
C ALA B 558 7.38 -2.20 -8.21
N LEU B 559 8.69 -1.97 -8.12
CA LEU B 559 9.60 -3.07 -7.80
C LEU B 559 9.39 -3.57 -6.37
N VAL B 560 8.97 -2.69 -5.44
CA VAL B 560 8.68 -3.15 -4.09
C VAL B 560 7.47 -4.09 -4.11
N ASP B 561 6.36 -3.64 -4.71
CA ASP B 561 5.17 -4.49 -4.82
C ASP B 561 5.48 -5.77 -5.60
N LEU B 562 6.33 -5.66 -6.62
CA LEU B 562 6.69 -6.82 -7.41
C LEU B 562 7.49 -7.82 -6.59
N TYR B 563 8.43 -7.32 -5.77
CA TYR B 563 9.24 -8.21 -4.94
C TYR B 563 8.39 -8.97 -3.94
N ASP B 564 7.35 -8.34 -3.40
CA ASP B 564 6.46 -9.05 -2.48
C ASP B 564 5.50 -9.97 -3.21
N ASN B 565 5.12 -9.65 -4.45
CA ASN B 565 4.16 -10.47 -5.18
C ASN B 565 4.79 -11.72 -5.78
N LEU B 566 6.07 -11.67 -6.15
CA LEU B 566 6.72 -12.79 -6.84
C LEU B 566 7.13 -13.92 -5.90
N LYS B 567 6.88 -13.81 -4.59
CA LYS B 567 7.35 -14.85 -3.68
C LYS B 567 6.60 -16.16 -3.89
N ASP B 568 5.28 -16.09 -4.11
CA ASP B 568 4.46 -17.30 -4.21
C ASP B 568 4.82 -18.16 -5.42
N ILE B 569 5.52 -17.61 -6.40
CA ILE B 569 6.01 -18.35 -7.56
C ILE B 569 7.53 -18.35 -7.66
N ASN B 570 8.24 -17.87 -6.63
CA ASN B 570 9.70 -17.80 -6.61
C ASN B 570 10.24 -17.03 -7.82
N GLY B 571 9.52 -15.99 -8.21
CA GLY B 571 9.92 -15.22 -9.37
C GLY B 571 11.12 -14.33 -9.09
N LYS B 572 11.90 -14.10 -10.14
CA LYS B 572 13.14 -13.32 -10.08
C LYS B 572 12.93 -11.99 -10.79
N ILE B 573 13.42 -10.91 -10.17
CA ILE B 573 13.48 -9.59 -10.78
C ILE B 573 14.87 -9.45 -11.37
N ILE B 574 14.94 -9.08 -12.65
CA ILE B 574 16.20 -9.15 -13.40
C ILE B 574 16.76 -7.75 -13.62
N LEU B 575 15.96 -6.85 -14.21
CA LEU B 575 16.47 -5.50 -14.45
C LEU B 575 15.35 -4.48 -14.52
N CYS B 576 15.74 -3.21 -14.35
CA CYS B 576 14.89 -2.06 -14.60
C CYS B 576 15.71 -1.04 -15.37
N VAL B 577 15.21 -0.62 -16.54
CA VAL B 577 15.85 0.41 -17.36
C VAL B 577 14.77 1.25 -18.00
N HIS B 578 14.96 2.57 -17.98
CA HIS B 578 14.03 3.54 -18.56
C HIS B 578 12.69 3.36 -17.84
N ASP B 579 11.59 3.04 -18.54
CA ASP B 579 10.31 2.71 -17.93
C ASP B 579 9.96 1.23 -18.13
N GLU B 580 10.98 0.38 -18.20
CA GLU B 580 10.85 -1.03 -18.53
C GLU B 580 11.38 -1.87 -17.36
N ILE B 581 10.64 -2.94 -17.02
CA ILE B 581 11.01 -3.87 -15.97
C ILE B 581 10.96 -5.28 -16.53
N ILE B 582 11.97 -6.09 -16.19
CA ILE B 582 12.09 -7.47 -16.64
C ILE B 582 12.14 -8.37 -15.42
N ILE B 583 11.23 -9.35 -15.39
CA ILE B 583 11.25 -10.43 -14.42
C ILE B 583 11.48 -11.73 -15.18
N GLU B 584 11.99 -12.73 -14.47
CA GLU B 584 12.20 -14.08 -14.98
C GLU B 584 11.45 -15.04 -14.07
N VAL B 585 10.68 -15.95 -14.68
CA VAL B 585 9.89 -16.94 -13.95
C VAL B 585 9.95 -18.26 -14.68
N ASN B 586 9.65 -19.33 -13.95
CA ASN B 586 9.49 -20.63 -14.60
C ASN B 586 8.31 -20.58 -15.55
N LYS B 587 8.42 -21.35 -16.64
CA LYS B 587 7.38 -21.36 -17.67
C LYS B 587 6.04 -21.85 -17.14
N LYS B 588 6.02 -22.57 -16.01
CA LYS B 588 4.77 -22.93 -15.35
C LYS B 588 3.96 -21.69 -14.98
N PHE B 589 4.61 -20.72 -14.32
CA PHE B 589 3.93 -19.54 -13.79
C PHE B 589 3.96 -18.37 -14.77
N GLN B 590 3.92 -18.66 -16.07
CA GLN B 590 4.07 -17.64 -17.11
C GLN B 590 2.92 -16.65 -17.07
N GLU B 591 1.68 -17.14 -17.25
CA GLU B 591 0.54 -16.25 -17.37
C GLU B 591 0.24 -15.54 -16.05
N GLU B 592 0.42 -16.23 -14.92
CA GLU B 592 0.21 -15.61 -13.61
C GLU B 592 1.23 -14.50 -13.39
N ALA B 593 2.50 -14.75 -13.72
CA ALA B 593 3.53 -13.76 -13.52
C ALA B 593 3.31 -12.53 -14.39
N LEU B 594 2.78 -12.70 -15.61
CA LEU B 594 2.36 -11.56 -16.42
C LEU B 594 1.31 -10.74 -15.69
N LYS B 595 0.33 -11.41 -15.07
CA LYS B 595 -0.71 -10.69 -14.33
C LYS B 595 -0.12 -9.87 -13.19
N ILE B 596 0.64 -10.53 -12.30
CA ILE B 596 1.11 -9.81 -11.12
C ILE B 596 2.16 -8.77 -11.47
N LEU B 597 2.84 -8.90 -12.62
CA LEU B 597 3.71 -7.81 -13.07
C LEU B 597 2.91 -6.57 -13.38
N VAL B 598 1.89 -6.69 -14.24
CA VAL B 598 1.05 -5.54 -14.58
C VAL B 598 0.34 -5.01 -13.35
N GLN B 599 -0.05 -5.91 -12.44
CA GLN B 599 -0.73 -5.49 -11.21
CA GLN B 599 -0.73 -5.48 -11.22
C GLN B 599 0.20 -4.63 -10.35
N SER B 600 1.44 -5.07 -10.19
CA SER B 600 2.38 -4.31 -9.38
C SER B 600 2.66 -2.93 -9.99
N MET B 601 2.79 -2.88 -11.32
CA MET B 601 3.06 -1.60 -11.97
C MET B 601 1.88 -0.66 -11.83
N GLU B 602 0.67 -1.16 -12.10
CA GLU B 602 -0.52 -0.32 -12.03
C GLU B 602 -0.83 0.11 -10.60
N ASN B 603 -0.53 -0.74 -9.61
CA ASN B 603 -0.72 -0.34 -8.22
C ASN B 603 0.21 0.79 -7.84
N SER B 604 1.46 0.74 -8.32
CA SER B 604 2.39 1.84 -8.06
C SER B 604 1.91 3.14 -8.70
N ALA B 605 1.60 3.09 -10.00
CA ALA B 605 1.11 4.28 -10.68
C ALA B 605 -0.19 4.78 -10.05
N SER B 606 -1.06 3.86 -9.63
CA SER B 606 -2.30 4.26 -8.97
C SER B 606 -2.03 4.87 -7.61
N TYR B 607 -0.91 4.52 -6.95
CA TYR B 607 -0.56 5.20 -5.72
C TYR B 607 -0.34 6.69 -5.98
N PHE B 608 0.47 7.02 -6.97
CA PHE B 608 0.89 8.40 -7.14
C PHE B 608 -0.08 9.24 -7.98
N LEU B 609 -0.72 8.64 -8.98
CA LEU B 609 -1.54 9.36 -9.96
C LEU B 609 -3.01 9.08 -9.72
N LYS B 610 -3.81 10.14 -9.58
CA LYS B 610 -5.23 10.05 -9.24
C LYS B 610 -6.17 10.42 -10.37
N LYS B 611 -5.76 11.28 -11.29
CA LYS B 611 -6.59 11.79 -12.36
C LYS B 611 -6.32 11.14 -13.72
N VAL B 612 -5.45 10.13 -13.77
CA VAL B 612 -5.08 9.49 -15.03
C VAL B 612 -4.71 8.04 -14.73
N LYS B 613 -5.15 7.13 -15.60
CA LYS B 613 -4.83 5.71 -15.48
C LYS B 613 -3.66 5.40 -16.42
N CYS B 614 -2.62 4.78 -15.87
CA CYS B 614 -1.44 4.48 -16.65
C CYS B 614 -1.75 3.41 -17.69
N GLU B 615 -0.77 3.13 -18.54
CA GLU B 615 -0.87 2.09 -19.57
C GLU B 615 0.40 1.26 -19.55
N VAL B 616 0.26 -0.03 -19.24
CA VAL B 616 1.34 -1.00 -19.31
C VAL B 616 1.18 -1.80 -20.59
N SER B 617 2.29 -2.01 -21.29
CA SER B 617 2.37 -2.94 -22.42
C SER B 617 3.35 -4.04 -22.02
N VAL B 618 2.84 -5.25 -21.85
CA VAL B 618 3.61 -6.39 -21.36
C VAL B 618 3.71 -7.42 -22.48
N LYS B 619 4.86 -8.09 -22.55
CA LYS B 619 5.07 -9.19 -23.47
C LYS B 619 5.89 -10.27 -22.76
N ILE B 620 5.67 -11.51 -23.17
CA ILE B 620 6.46 -12.65 -22.72
C ILE B 620 7.50 -12.94 -23.79
N ALA B 621 8.72 -13.25 -23.38
CA ALA B 621 9.80 -13.42 -24.33
C ALA B 621 10.89 -14.29 -23.72
N GLU B 622 11.64 -14.97 -24.58
CA GLU B 622 12.85 -15.68 -24.22
C GLU B 622 14.11 -14.92 -24.63
N ASN B 623 13.99 -13.61 -24.84
CA ASN B 623 15.14 -12.79 -25.19
C ASN B 623 14.74 -11.33 -25.04
N TRP B 624 15.74 -10.50 -24.71
CA TRP B 624 15.51 -9.07 -24.56
C TRP B 624 15.33 -8.36 -25.90
N GLY B 625 15.54 -9.04 -27.03
CA GLY B 625 15.30 -8.43 -28.32
C GLY B 625 13.85 -8.38 -28.75
N SER B 626 13.00 -9.22 -28.15
CA SER B 626 11.59 -9.24 -28.50
C SER B 626 10.91 -7.93 -28.13
NA NA C . -23.72 -15.41 1.27
CL CL D . -13.78 7.37 -14.53
CL CL E . -11.41 -5.53 -8.62
C1 PEG F . -12.77 14.04 -8.56
O1 PEG F . -12.02 12.86 -8.29
C2 PEG F . -12.80 14.95 -7.35
O2 PEG F . -13.53 16.15 -7.63
C3 PEG F . -12.79 17.14 -8.33
C4 PEG F . -13.60 18.40 -8.40
O4 PEG F . -12.88 19.47 -9.00
H11 PEG F . -13.68 13.80 -8.77
H12 PEG F . -12.37 14.52 -9.30
HO1 PEG F . -11.63 12.54 -8.98
H21 PEG F . -11.88 15.19 -7.11
H22 PEG F . -13.21 14.49 -6.61
H31 PEG F . -12.60 16.83 -9.23
H32 PEG F . -11.96 17.32 -7.87
H41 PEG F . -13.86 18.66 -7.51
H42 PEG F . -14.40 18.23 -8.93
HO4 PEG F . -13.34 19.95 -9.53
C1 PEG G . 4.49 18.33 -3.22
O1 PEG G . 4.67 17.14 -3.97
C2 PEG G . 3.81 18.07 -1.91
O2 PEG G . 3.88 19.23 -1.09
C3 PEG G . 4.09 18.95 0.30
C4 PEG G . 2.93 18.19 0.86
O4 PEG G . 3.10 16.79 0.70
H11 PEG G . 3.94 18.94 -3.74
H12 PEG G . 5.35 18.74 -3.06
HO1 PEG G . 4.06 16.98 -4.54
H21 PEG G . 4.26 17.33 -1.46
H22 PEG G . 2.88 17.83 -2.07
H31 PEG G . 4.18 19.79 0.78
H32 PEG G . 4.91 18.43 0.40
H41 PEG G . 2.12 18.46 0.39
H42 PEG G . 2.84 18.39 1.80
HO4 PEG G . 2.40 16.33 0.89
NA NA H . 27.18 -1.48 6.94
CL CL I . 7.43 19.67 2.13
CL CL J . 11.04 7.04 7.67
C1 PEG K . 4.09 21.85 -9.84
O1 PEG K . 3.71 22.31 -11.14
C2 PEG K . 4.56 20.43 -9.87
O2 PEG K . 4.43 19.86 -8.57
C3 PEG K . 4.85 18.51 -8.52
C4 PEG K . 4.71 17.99 -7.12
O4 PEG K . 5.59 18.69 -6.24
H11 PEG K . 4.80 22.42 -9.50
H12 PEG K . 3.32 21.91 -9.25
HO1 PEG K . 3.02 22.80 -11.15
H21 PEG K . 4.02 19.92 -10.50
H22 PEG K . 5.49 20.41 -10.14
H31 PEG K . 4.30 17.97 -9.12
H32 PEG K . 5.78 18.45 -8.80
H41 PEG K . 3.80 18.13 -6.83
H42 PEG K . 4.93 17.05 -7.10
HO4 PEG K . 5.55 19.54 -6.31
#